data_9GSI
#
_entry.id   9GSI
#
_cell.length_a   1.00
_cell.length_b   1.00
_cell.length_c   1.00
_cell.angle_alpha   90.00
_cell.angle_beta   90.00
_cell.angle_gamma   90.00
#
_symmetry.space_group_name_H-M   'P 1'
#
loop_
_entity.id
_entity.type
_entity.pdbx_description
1 polymer 'Plasma membrane calcium-transporting ATPase 2'
2 non-polymer 'PHOSPHOAMINOPHOSPHONIC ACID-ADENYLATE ESTER'
3 non-polymer 'CALCIUM ION'
4 non-polymer 'MAGNESIUM ION'
5 non-polymer '(2S)-1-{[(R)-hydroxy{[(1R,2R,3S,4R,5R,6S)-2,3,6-trihydroxy-4,5-bis(phosphonooxy)cyclohexyl]oxy}phosphoryl]oxy}-3-(octadecanoyloxy)propan-2-yl icosa-5,8,11,14-tetraenoate'
#
_entity_poly.entity_id   1
_entity_poly.type   'polypeptide(L)'
_entity_poly.pdbx_seq_one_letter_code
;MGDMTNSDFYSKNQRNESSHGGEFGCTMEELRSLMELRGTEAVVKIKETYGDTEAICRRLKTSPVEGLPGTAPDLEKRKQ
IFGQNFIPPKKPKTFLQLVWEALQDVTLIILEIAAIISLGLSFYHPPGESNEGCATAQGGAEDEGEAEAGWIEGAAILLS
VICVVLVTAFNDWSKEKQFRGLQSRIEQEQKFTVVRAGQVVQIPVAEIVVGDIAQIKYGDLLPADGLFIQGNDLKIDESS
LTGESDQVRKSVDKDPMLLSGTHVMEGSGRMVVTAVGVNSQTGIIFTLLGAGGEEEEKKDKKAKQQDGAAAMEMQPLKSA
EGGDADDKKKANMHKKEKSVLQGKLTKLAVQIGKAGLVMSAITVIILVLYFTVDTFVVNKKPWLTECTPVYVQYFVKFFI
IGVTVLVVAVPEGLPLAVTISLAYSVKKMMKDNNLVRHLDACETMGNATAICSDKTGTLTTNRMTVVQAYVGDVHYKEIP
DPSSINAKTLELLVNAIAINSAYTTKILPPEKEGALPRQVGNKTECGLLGFVLDLRQDYEPVRSQMPEEKLYKVYTFNSV
RKSMSTVIKMPDESFRMYSKGASEIVLKKCCKILSGAGEARVFRPRDRDEMVKKVIEPMACDGLRTICVAYRDFPSSPEP
DWDNENDILNELTCICVVGIEDPVRPEVPEAIRKCQRAGITVRMVTGDNINTARAIAIKCGIIHPGEDFLCLEGKEFNRR
IRNEKGEIEQERIDKIWPKLRVLARSSPTDKHTLVKGIIDSTHTEQRQVVAVTGDGTNDGPALKKADVGFAMGIAGTDVA
KEASDIILTDDNFSSIVKAVMWGRNVYDSISKFLQFQLTVNVVAVIVAFTGACITQDSPLKAVQMLWVNLIMDTFASLAL
ATEPPTETLLLRKPYGRNKPLISRTMMKNILGHAVYQLTLIFTLLFVGEKMFQIDSGRNAPLHSPPSEHYTIIFNTFVMM
QLFNEINARKIHGERNVFDGIFRNPIFCTIVLGTFAIQIVIVQFGGKPFSCSPLQLDQWMWCIFIGLGELVWGQVIATIP
TSRLKFLKEAGRLTQKEEIPEEELNEDVEEIDHAERELRRGQILWFRGLNRIQTQIRVVKAFRSSLYEGLEKPESRTSIH
NFMAHPEFRIEDSQPHIPLIDDTDLEEDAALKQNSSPPSSLNKNNSAIDSGINLTTDTSKSATSSSPGSPIHSLETSLEN
LYFQGGDYKDDDDK
;
_entity_poly.pdbx_strand_id   A
#
loop_
_chem_comp.id
_chem_comp.type
_chem_comp.name
_chem_comp.formula
ANP non-polymer 'PHOSPHOAMINOPHOSPHONIC ACID-ADENYLATE ESTER' 'C10 H17 N6 O12 P3'
CA non-polymer 'CALCIUM ION' 'Ca 2'
KXP non-polymer '(2S)-1-{[(R)-hydroxy{[(1R,2R,3S,4R,5R,6S)-2,3,6-trihydroxy-4,5-bis(phosphonooxy)cyclohexyl]oxy}phosphoryl]oxy}-3-(octadecanoyloxy)propan-2-yl icosa-5,8,11,14-tetraenoate' 'C47 H85 O19 P3'
MG non-polymer 'MAGNESIUM ION' 'Mg 2'
#
# COMPACT_ATOMS: atom_id res chain seq x y z
N THR A 27 -15.58 -31.55 -29.11
CA THR A 27 -16.90 -31.01 -28.78
C THR A 27 -16.81 -30.09 -27.57
N MET A 28 -16.01 -30.49 -26.57
CA MET A 28 -15.86 -29.68 -25.37
C MET A 28 -15.12 -28.37 -25.67
N GLU A 29 -14.29 -28.37 -26.72
CA GLU A 29 -13.55 -27.19 -27.13
C GLU A 29 -13.79 -26.82 -28.58
N GLU A 30 -14.56 -27.61 -29.33
CA GLU A 30 -14.84 -27.30 -30.72
C GLU A 30 -15.59 -25.98 -30.86
N LEU A 31 -16.61 -25.77 -30.04
CA LEU A 31 -17.40 -24.55 -30.10
C LEU A 31 -16.56 -23.29 -29.91
N ARG A 32 -15.44 -23.40 -29.16
CA ARG A 32 -14.55 -22.27 -28.98
C ARG A 32 -14.11 -21.68 -30.31
N SER A 33 -13.95 -22.51 -31.35
CA SER A 33 -13.55 -22.02 -32.65
C SER A 33 -14.47 -20.87 -33.10
N LEU A 34 -15.77 -21.02 -32.87
CA LEU A 34 -16.72 -19.97 -33.23
C LEU A 34 -16.35 -18.65 -32.58
N MET A 35 -16.11 -18.67 -31.26
CA MET A 35 -15.83 -17.42 -30.56
C MET A 35 -14.47 -16.87 -30.96
N GLU A 36 -13.66 -17.66 -31.66
CA GLU A 36 -12.38 -17.15 -32.15
C GLU A 36 -12.56 -16.17 -33.29
N LEU A 37 -13.75 -16.17 -33.92
CA LEU A 37 -13.94 -15.33 -35.10
C LEU A 37 -13.90 -13.85 -34.77
N ARG A 38 -14.57 -13.45 -33.68
CA ARG A 38 -14.59 -12.04 -33.24
C ARG A 38 -15.07 -11.10 -34.34
N GLY A 39 -16.16 -11.47 -35.01
CA GLY A 39 -16.65 -10.62 -36.08
C GLY A 39 -18.06 -11.00 -36.49
N THR A 40 -18.50 -10.39 -37.59
CA THR A 40 -19.81 -10.70 -38.15
C THR A 40 -19.91 -12.15 -38.61
N GLU A 41 -18.76 -12.77 -38.90
CA GLU A 41 -18.76 -14.18 -39.25
C GLU A 41 -19.27 -15.03 -38.09
N ALA A 42 -18.83 -14.71 -36.87
CA ALA A 42 -19.33 -15.42 -35.68
C ALA A 42 -20.82 -15.18 -35.50
N VAL A 43 -21.29 -13.95 -35.76
CA VAL A 43 -22.70 -13.64 -35.60
C VAL A 43 -23.55 -14.41 -36.61
N VAL A 44 -23.05 -14.58 -37.83
CA VAL A 44 -23.82 -15.32 -38.83
C VAL A 44 -23.67 -16.82 -38.62
N LYS A 45 -22.62 -17.26 -37.94
CA LYS A 45 -22.43 -18.69 -37.71
C LYS A 45 -23.55 -19.27 -36.87
N ILE A 46 -23.95 -18.56 -35.81
CA ILE A 46 -25.02 -19.06 -34.97
C ILE A 46 -26.34 -19.09 -35.73
N LYS A 47 -26.55 -18.12 -36.63
CA LYS A 47 -27.75 -18.14 -37.46
C LYS A 47 -27.69 -19.17 -38.57
N GLU A 48 -26.51 -19.72 -38.86
CA GLU A 48 -26.38 -20.75 -39.89
C GLU A 48 -26.92 -22.10 -39.40
N THR A 49 -26.32 -22.64 -38.33
CA THR A 49 -26.66 -23.96 -37.83
C THR A 49 -26.81 -24.05 -36.32
N TYR A 50 -26.24 -23.10 -35.57
CA TYR A 50 -26.23 -23.17 -34.11
C TYR A 50 -27.47 -22.57 -33.47
N GLY A 51 -28.41 -22.04 -34.26
CA GLY A 51 -29.58 -21.39 -33.71
C GLY A 51 -29.23 -20.23 -32.80
N ASP A 52 -29.71 -20.30 -31.56
CA ASP A 52 -29.37 -19.33 -30.52
C ASP A 52 -28.65 -20.06 -29.39
N THR A 53 -28.45 -19.36 -28.27
CA THR A 53 -27.89 -20.01 -27.09
C THR A 53 -28.84 -21.10 -26.59
N GLU A 54 -30.15 -20.82 -26.61
CA GLU A 54 -31.14 -21.78 -26.15
C GLU A 54 -31.26 -22.98 -27.10
N ALA A 55 -30.81 -22.84 -28.34
CA ALA A 55 -30.85 -23.94 -29.30
C ALA A 55 -29.94 -25.08 -28.87
N ILE A 56 -28.76 -24.74 -28.34
CA ILE A 56 -27.77 -25.76 -27.97
C ILE A 56 -27.65 -25.95 -26.47
N CYS A 57 -28.27 -25.07 -25.66
CA CYS A 57 -28.20 -25.26 -24.22
C CYS A 57 -28.88 -26.55 -23.79
N ARG A 58 -29.71 -27.12 -24.67
CA ARG A 58 -30.44 -28.36 -24.40
C ARG A 58 -29.49 -29.51 -24.09
N ARG A 59 -28.24 -29.41 -24.56
CA ARG A 59 -27.26 -30.47 -24.32
C ARG A 59 -27.05 -30.71 -22.82
N LEU A 60 -27.10 -29.65 -22.03
CA LEU A 60 -26.95 -29.73 -20.59
C LEU A 60 -28.17 -29.14 -19.90
N LYS A 61 -28.22 -29.30 -18.58
CA LYS A 61 -29.32 -28.74 -17.80
C LYS A 61 -29.30 -27.21 -17.84
N THR A 62 -28.24 -26.63 -17.26
CA THR A 62 -27.93 -25.19 -17.30
C THR A 62 -28.97 -24.33 -16.60
N SER A 63 -30.04 -24.94 -16.05
CA SER A 63 -31.11 -24.23 -15.33
C SER A 63 -31.50 -22.94 -16.05
N PRO A 64 -32.15 -23.03 -17.22
CA PRO A 64 -32.35 -21.82 -18.05
C PRO A 64 -33.08 -20.69 -17.36
N VAL A 65 -34.27 -20.95 -16.83
CA VAL A 65 -35.07 -19.89 -16.20
C VAL A 65 -35.31 -20.20 -14.74
N GLU A 66 -34.67 -21.24 -14.23
CA GLU A 66 -34.82 -21.68 -12.85
C GLU A 66 -33.50 -21.54 -12.10
N GLY A 67 -33.53 -21.92 -10.82
CA GLY A 67 -32.35 -21.87 -9.98
C GLY A 67 -31.91 -23.26 -9.58
N LEU A 68 -30.61 -23.39 -9.33
CA LEU A 68 -30.05 -24.68 -8.98
C LEU A 68 -30.49 -25.07 -7.56
N PRO A 69 -30.97 -26.30 -7.35
CA PRO A 69 -31.38 -26.70 -5.99
C PRO A 69 -30.25 -26.76 -4.99
N GLY A 70 -29.00 -26.88 -5.44
CA GLY A 70 -27.88 -26.88 -4.52
C GLY A 70 -27.54 -28.20 -3.87
N THR A 71 -27.94 -29.31 -4.49
CA THR A 71 -27.56 -30.62 -3.97
C THR A 71 -26.05 -30.82 -4.09
N ALA A 72 -25.48 -31.58 -3.16
CA ALA A 72 -24.03 -31.76 -3.14
C ALA A 72 -23.49 -32.46 -4.37
N PRO A 73 -24.00 -33.64 -4.79
CA PRO A 73 -23.50 -34.24 -6.03
C PRO A 73 -24.31 -33.83 -7.25
N ASP A 74 -24.42 -32.52 -7.49
CA ASP A 74 -25.33 -32.01 -8.50
C ASP A 74 -24.75 -32.06 -9.92
N LEU A 75 -23.65 -31.34 -10.14
CA LEU A 75 -23.17 -31.11 -11.50
C LEU A 75 -22.15 -32.14 -11.94
N GLU A 76 -22.10 -33.29 -11.26
CA GLU A 76 -21.21 -34.37 -11.68
C GLU A 76 -21.64 -34.93 -13.03
N LYS A 77 -22.95 -35.08 -13.25
CA LYS A 77 -23.45 -35.67 -14.49
C LYS A 77 -23.20 -34.74 -15.68
N ARG A 78 -23.56 -33.47 -15.54
CA ARG A 78 -23.43 -32.51 -16.63
C ARG A 78 -21.96 -32.29 -16.99
N LYS A 79 -21.13 -32.01 -15.98
CA LYS A 79 -19.70 -31.79 -16.19
C LYS A 79 -18.97 -33.07 -15.80
N GLN A 80 -18.94 -34.03 -16.73
CA GLN A 80 -18.33 -35.32 -16.46
C GLN A 80 -16.85 -35.18 -16.12
N ILE A 81 -16.11 -34.46 -16.95
CA ILE A 81 -14.72 -34.12 -16.65
C ILE A 81 -14.73 -32.77 -15.96
N PHE A 82 -14.07 -32.70 -14.80
CA PHE A 82 -14.07 -31.46 -14.02
C PHE A 82 -12.78 -30.70 -14.23
N GLY A 83 -12.89 -29.48 -14.75
CA GLY A 83 -11.73 -28.64 -14.97
C GLY A 83 -11.94 -27.22 -14.46
N GLN A 84 -11.04 -26.75 -13.61
CA GLN A 84 -11.13 -25.43 -13.02
C GLN A 84 -9.91 -24.61 -13.40
N ASN A 85 -10.13 -23.33 -13.70
CA ASN A 85 -9.02 -22.43 -13.99
C ASN A 85 -8.31 -21.95 -12.72
N PHE A 86 -8.77 -22.42 -11.55
CA PHE A 86 -8.13 -22.06 -10.29
C PHE A 86 -6.71 -22.63 -10.18
N ILE A 87 -6.34 -23.57 -11.03
CA ILE A 87 -5.04 -24.23 -10.98
C ILE A 87 -3.93 -23.20 -11.16
N PRO A 88 -3.07 -23.01 -10.17
CA PRO A 88 -1.97 -22.07 -10.31
C PRO A 88 -0.72 -22.77 -10.81
N PRO A 89 0.34 -22.03 -11.14
CA PRO A 89 1.63 -22.68 -11.40
C PRO A 89 2.15 -23.38 -10.15
N LYS A 90 2.95 -24.42 -10.37
CA LYS A 90 3.44 -25.22 -9.26
C LYS A 90 4.22 -24.36 -8.27
N LYS A 91 5.22 -23.62 -8.74
CA LYS A 91 5.96 -22.66 -7.93
C LYS A 91 6.85 -21.81 -8.84
N PRO A 92 6.91 -20.49 -8.64
CA PRO A 92 7.85 -19.69 -9.44
C PRO A 92 9.30 -20.11 -9.23
N LYS A 93 9.69 -20.43 -7.99
CA LYS A 93 11.03 -20.89 -7.67
C LYS A 93 10.95 -21.87 -6.52
N THR A 94 11.94 -22.76 -6.47
CA THR A 94 12.13 -23.67 -5.34
C THR A 94 13.20 -23.09 -4.42
N PHE A 95 13.37 -23.70 -3.25
CA PHE A 95 14.31 -23.17 -2.26
C PHE A 95 15.74 -23.20 -2.79
N LEU A 96 16.11 -24.29 -3.46
CA LEU A 96 17.45 -24.39 -4.03
C LEU A 96 17.67 -23.31 -5.09
N GLN A 97 16.68 -23.10 -5.96
CA GLN A 97 16.78 -22.05 -6.96
C GLN A 97 16.83 -20.67 -6.30
N LEU A 98 16.09 -20.49 -5.21
CA LEU A 98 16.12 -19.21 -4.51
C LEU A 98 17.50 -18.93 -3.91
N VAL A 99 18.11 -19.96 -3.32
CA VAL A 99 19.46 -19.81 -2.78
C VAL A 99 20.45 -19.49 -3.89
N TRP A 100 20.32 -20.19 -5.03
CA TRP A 100 21.21 -19.92 -6.16
C TRP A 100 21.03 -18.50 -6.68
N GLU A 101 19.78 -18.02 -6.73
CA GLU A 101 19.52 -16.66 -7.18
C GLU A 101 20.12 -15.65 -6.20
N ALA A 102 19.97 -15.88 -4.90
CA ALA A 102 20.50 -14.96 -3.91
C ALA A 102 22.02 -15.00 -3.86
N LEU A 103 22.63 -16.09 -4.34
CA LEU A 103 24.08 -16.20 -4.32
C LEU A 103 24.74 -15.25 -5.30
N GLN A 104 23.99 -14.71 -6.27
CA GLN A 104 24.57 -13.86 -7.32
C GLN A 104 24.35 -12.40 -6.96
N ASP A 105 25.25 -11.88 -6.12
CA ASP A 105 25.31 -10.47 -5.77
C ASP A 105 26.77 -10.04 -5.82
N VAL A 106 27.01 -8.78 -6.21
CA VAL A 106 28.37 -8.31 -6.46
C VAL A 106 29.22 -8.43 -5.21
N THR A 107 28.70 -7.98 -4.06
CA THR A 107 29.45 -8.07 -2.81
C THR A 107 29.71 -9.53 -2.46
N LEU A 108 28.71 -10.40 -2.67
CA LEU A 108 28.89 -11.82 -2.42
C LEU A 108 29.89 -12.44 -3.38
N ILE A 109 29.92 -12.00 -4.64
CA ILE A 109 30.94 -12.48 -5.56
C ILE A 109 32.33 -12.09 -5.08
N ILE A 110 32.51 -10.86 -4.63
CA ILE A 110 33.80 -10.43 -4.10
C ILE A 110 34.19 -11.27 -2.90
N LEU A 111 33.24 -11.50 -1.99
CA LEU A 111 33.53 -12.29 -0.79
C LEU A 111 33.90 -13.73 -1.15
N GLU A 112 33.18 -14.33 -2.09
CA GLU A 112 33.49 -15.70 -2.50
C GLU A 112 34.85 -15.78 -3.17
N ILE A 113 35.20 -14.80 -4.01
CA ILE A 113 36.51 -14.79 -4.63
C ILE A 113 37.60 -14.67 -3.58
N ALA A 114 37.40 -13.79 -2.60
CA ALA A 114 38.38 -13.63 -1.53
C ALA A 114 38.53 -14.92 -0.74
N ALA A 115 37.42 -15.59 -0.42
CA ALA A 115 37.49 -16.85 0.31
C ALA A 115 38.23 -17.92 -0.50
N ILE A 116 37.97 -17.99 -1.81
CA ILE A 116 38.64 -18.97 -2.66
C ILE A 116 40.14 -18.70 -2.66
N ILE A 117 40.54 -17.43 -2.80
CA ILE A 117 41.95 -17.09 -2.82
C ILE A 117 42.61 -17.44 -1.49
N SER A 118 41.95 -17.12 -0.39
CA SER A 118 42.51 -17.42 0.93
C SER A 118 42.68 -18.91 1.13
N LEU A 119 41.65 -19.70 0.77
CA LEU A 119 41.74 -21.15 0.95
C LEU A 119 42.81 -21.75 0.05
N GLY A 120 42.94 -21.26 -1.18
CA GLY A 120 43.96 -21.74 -2.08
C GLY A 120 45.37 -21.44 -1.59
N LEU A 121 45.58 -20.21 -1.09
CA LEU A 121 46.92 -19.84 -0.63
C LEU A 121 47.27 -20.52 0.69
N SER A 122 46.27 -20.79 1.54
CA SER A 122 46.56 -21.41 2.83
C SER A 122 47.14 -22.82 2.64
N PHE A 123 46.59 -23.59 1.71
CA PHE A 123 47.08 -24.94 1.47
C PHE A 123 48.21 -24.95 0.45
N TYR A 124 49.34 -24.35 0.82
CA TYR A 124 50.52 -24.32 -0.05
C TYR A 124 51.79 -24.05 0.75
N ALA A 149 46.76 -22.97 11.40
CA ALA A 149 45.43 -23.18 10.85
C ALA A 149 45.09 -22.09 9.84
N GLY A 150 45.60 -22.24 8.61
CA GLY A 150 45.33 -21.26 7.57
C GLY A 150 43.94 -21.34 6.99
N TRP A 151 43.28 -22.50 7.11
CA TRP A 151 41.95 -22.67 6.55
C TRP A 151 40.89 -21.82 7.25
N ILE A 152 41.03 -21.62 8.56
CA ILE A 152 39.97 -21.01 9.36
C ILE A 152 39.56 -19.65 8.81
N GLU A 153 40.50 -18.84 8.33
CA GLU A 153 40.16 -17.55 7.77
C GLU A 153 39.10 -17.70 6.68
N GLY A 154 39.36 -18.57 5.71
CA GLY A 154 38.37 -18.80 4.66
C GLY A 154 37.03 -19.21 5.23
N ALA A 155 37.05 -20.11 6.22
CA ALA A 155 35.80 -20.54 6.84
C ALA A 155 35.01 -19.35 7.32
N ALA A 156 35.68 -18.40 8.00
CA ALA A 156 34.98 -17.22 8.50
C ALA A 156 34.23 -16.52 7.37
N ILE A 157 34.91 -16.30 6.25
CA ILE A 157 34.26 -15.61 5.13
C ILE A 157 33.03 -16.39 4.70
N LEU A 158 33.16 -17.71 4.57
CA LEU A 158 32.02 -18.51 4.17
C LEU A 158 30.90 -18.42 5.19
N LEU A 159 31.25 -18.37 6.48
CA LEU A 159 30.23 -18.28 7.51
C LEU A 159 29.44 -17.00 7.38
N SER A 160 30.02 -15.97 6.76
CA SER A 160 29.26 -14.78 6.44
C SER A 160 28.36 -15.04 5.24
N VAL A 161 28.94 -15.58 4.16
CA VAL A 161 28.23 -15.68 2.88
C VAL A 161 26.94 -16.49 3.05
N ILE A 162 27.06 -17.65 3.72
CA ILE A 162 25.88 -18.46 3.98
C ILE A 162 24.83 -17.66 4.74
N CYS A 163 25.26 -17.00 5.82
CA CYS A 163 24.32 -16.24 6.64
C CYS A 163 23.72 -15.08 5.85
N VAL A 164 24.35 -14.72 4.73
CA VAL A 164 23.79 -13.67 3.88
C VAL A 164 22.78 -14.26 2.90
N VAL A 165 23.07 -15.44 2.36
CA VAL A 165 22.21 -15.97 1.30
C VAL A 165 20.98 -16.64 1.89
N LEU A 166 21.17 -17.61 2.79
CA LEU A 166 20.06 -18.42 3.28
C LEU A 166 18.92 -17.55 3.80
N VAL A 167 19.25 -16.64 4.72
CA VAL A 167 18.22 -15.77 5.30
C VAL A 167 17.48 -15.03 4.18
N THR A 168 18.23 -14.42 3.27
CA THR A 168 17.59 -13.72 2.16
C THR A 168 16.66 -14.66 1.40
N ALA A 169 17.16 -15.85 1.06
CA ALA A 169 16.34 -16.82 0.35
C ALA A 169 15.07 -17.10 1.12
N PHE A 170 15.20 -17.28 2.44
CA PHE A 170 14.03 -17.57 3.27
C PHE A 170 12.98 -16.49 3.11
N ASN A 171 13.41 -15.22 3.13
CA ASN A 171 12.46 -14.14 2.92
C ASN A 171 11.79 -14.27 1.57
N ASP A 172 12.58 -14.48 0.51
CA ASP A 172 12.02 -14.58 -0.82
C ASP A 172 11.20 -15.86 -0.97
N TRP A 173 11.32 -16.77 -0.01
CA TRP A 173 10.51 -17.99 -0.04
C TRP A 173 9.21 -17.79 0.73
N SER A 174 9.22 -16.90 1.72
CA SER A 174 8.03 -16.70 2.55
C SER A 174 7.13 -15.63 1.96
N LYS A 175 7.69 -14.46 1.67
CA LYS A 175 6.92 -13.36 1.12
C LYS A 175 6.21 -13.77 -0.17
N GLU A 176 6.96 -14.39 -1.09
CA GLU A 176 6.36 -14.84 -2.34
C GLU A 176 5.21 -15.81 -2.08
N LYS A 177 5.28 -16.58 -1.00
CA LYS A 177 4.16 -17.44 -0.63
C LYS A 177 2.98 -16.60 -0.16
N GLN A 178 3.22 -15.65 0.74
CA GLN A 178 2.14 -14.89 1.35
C GLN A 178 1.38 -14.08 0.30
N PHE A 179 2.10 -13.43 -0.60
CA PHE A 179 1.46 -12.68 -1.68
C PHE A 179 0.60 -13.60 -2.54
N ARG A 180 1.00 -14.86 -2.66
CA ARG A 180 0.17 -15.82 -3.40
C ARG A 180 -1.02 -16.27 -2.57
N GLY A 181 -0.85 -16.34 -1.24
CA GLY A 181 -1.93 -16.81 -0.39
C GLY A 181 -3.12 -15.86 -0.36
N LEU A 182 -2.84 -14.56 -0.36
CA LEU A 182 -3.92 -13.57 -0.30
C LEU A 182 -4.81 -13.65 -1.52
N GLN A 183 -4.21 -13.80 -2.70
CA GLN A 183 -4.96 -13.84 -3.95
C GLN A 183 -5.06 -15.27 -4.48
N THR A 193 -18.57 -15.02 -2.05
CA THR A 193 -19.53 -14.42 -2.95
C THR A 193 -18.95 -14.26 -4.36
N VAL A 194 -19.61 -14.85 -5.35
CA VAL A 194 -19.16 -14.86 -6.73
C VAL A 194 -20.32 -14.38 -7.61
N VAL A 195 -20.06 -14.28 -8.91
CA VAL A 195 -20.99 -13.73 -9.88
C VAL A 195 -22.16 -14.69 -10.10
N ARG A 196 -22.08 -15.88 -9.51
CA ARG A 196 -23.17 -16.85 -9.61
C ARG A 196 -24.46 -16.24 -9.10
N ALA A 197 -25.55 -16.41 -9.86
CA ALA A 197 -26.82 -15.81 -9.52
C ALA A 197 -27.89 -16.89 -9.44
N GLY A 198 -28.94 -16.59 -8.68
CA GLY A 198 -30.03 -17.51 -8.46
C GLY A 198 -31.05 -16.94 -7.51
N GLN A 199 -31.50 -17.74 -6.54
CA GLN A 199 -32.42 -17.25 -5.52
C GLN A 199 -31.65 -16.48 -4.47
N VAL A 200 -30.71 -17.15 -3.79
CA VAL A 200 -29.84 -16.51 -2.82
C VAL A 200 -28.43 -17.11 -2.97
N VAL A 201 -28.19 -17.78 -4.09
CA VAL A 201 -26.98 -18.57 -4.29
C VAL A 201 -25.76 -17.66 -4.38
N GLN A 202 -24.94 -17.66 -3.33
CA GLN A 202 -23.67 -16.95 -3.31
C GLN A 202 -22.60 -17.88 -2.72
N ILE A 203 -21.61 -18.21 -3.53
CA ILE A 203 -20.59 -19.19 -3.15
C ILE A 203 -19.23 -18.54 -3.40
N PRO A 204 -18.18 -18.94 -2.64
CA PRO A 204 -16.83 -18.41 -2.88
C PRO A 204 -16.40 -18.36 -4.34
N VAL A 205 -15.51 -17.41 -4.64
CA VAL A 205 -15.18 -17.03 -6.02
C VAL A 205 -14.35 -18.06 -6.77
N ALA A 206 -13.91 -19.13 -6.11
CA ALA A 206 -12.79 -19.91 -6.62
C ALA A 206 -13.19 -21.20 -7.35
N GLU A 207 -14.42 -21.38 -7.82
CA GLU A 207 -14.77 -22.61 -8.51
C GLU A 207 -15.09 -22.32 -9.97
N ILE A 208 -16.11 -21.52 -10.26
CA ILE A 208 -16.62 -21.22 -11.60
C ILE A 208 -16.78 -22.47 -12.46
N VAL A 209 -18.02 -22.79 -12.84
CA VAL A 209 -18.30 -24.00 -13.60
C VAL A 209 -19.15 -23.66 -14.81
N VAL A 210 -19.26 -24.65 -15.72
CA VAL A 210 -20.06 -24.46 -16.92
C VAL A 210 -21.54 -24.52 -16.58
N GLY A 211 -22.33 -23.68 -17.24
CA GLY A 211 -23.77 -23.68 -17.06
C GLY A 211 -24.30 -22.72 -16.02
N ASP A 212 -23.42 -21.93 -15.40
CA ASP A 212 -23.87 -21.01 -14.36
C ASP A 212 -24.67 -19.86 -14.97
N ILE A 213 -25.49 -19.22 -14.14
CA ILE A 213 -26.26 -18.05 -14.53
C ILE A 213 -25.56 -16.84 -13.91
N ALA A 214 -24.67 -16.22 -14.69
CA ALA A 214 -23.93 -15.06 -14.21
C ALA A 214 -24.71 -13.78 -14.50
N GLN A 215 -24.93 -12.98 -13.46
CA GLN A 215 -25.57 -11.68 -13.58
C GLN A 215 -24.49 -10.60 -13.59
N ILE A 216 -24.39 -9.86 -14.68
CA ILE A 216 -23.33 -8.87 -14.88
C ILE A 216 -23.91 -7.49 -14.63
N LYS A 217 -23.24 -6.73 -13.76
CA LYS A 217 -23.59 -5.34 -13.49
C LYS A 217 -22.46 -4.44 -13.98
N TYR A 218 -22.71 -3.13 -13.94
CA TYR A 218 -21.68 -2.18 -14.33
C TYR A 218 -20.49 -2.27 -13.37
N GLY A 219 -19.29 -2.30 -13.95
CA GLY A 219 -18.08 -2.37 -13.16
C GLY A 219 -17.63 -3.75 -12.76
N ASP A 220 -18.38 -4.79 -13.13
CA ASP A 220 -17.97 -6.15 -12.80
C ASP A 220 -16.89 -6.64 -13.74
N LEU A 221 -15.89 -7.33 -13.18
CA LEU A 221 -14.84 -7.94 -13.98
C LEU A 221 -15.31 -9.34 -14.40
N LEU A 222 -15.28 -9.61 -15.69
CA LEU A 222 -15.76 -10.89 -16.19
C LEU A 222 -14.80 -12.00 -15.79
N PRO A 223 -15.25 -13.00 -15.03
CA PRO A 223 -14.34 -14.07 -14.61
C PRO A 223 -14.15 -15.12 -15.68
N ALA A 224 -15.08 -15.18 -16.64
CA ALA A 224 -15.02 -16.17 -17.70
C ALA A 224 -15.76 -15.65 -18.91
N ASP A 225 -15.44 -16.21 -20.07
CA ASP A 225 -16.08 -15.85 -21.33
C ASP A 225 -17.51 -16.35 -21.34
N GLY A 226 -18.34 -15.76 -22.20
CA GLY A 226 -19.73 -16.17 -22.30
C GLY A 226 -20.49 -15.56 -23.45
N LEU A 227 -21.80 -15.79 -23.49
CA LEU A 227 -22.66 -15.30 -24.55
C LEU A 227 -23.81 -14.53 -23.93
N PHE A 228 -24.24 -13.45 -24.59
CA PHE A 228 -25.17 -12.50 -24.01
C PHE A 228 -26.62 -12.97 -24.21
N ILE A 229 -27.40 -12.93 -23.13
CA ILE A 229 -28.81 -13.33 -23.17
C ILE A 229 -29.73 -12.12 -23.25
N GLN A 230 -29.67 -11.26 -22.23
CA GLN A 230 -30.56 -10.11 -22.13
C GLN A 230 -29.89 -9.06 -21.25
N GLY A 231 -30.38 -7.83 -21.32
CA GLY A 231 -29.83 -6.77 -20.51
C GLY A 231 -30.11 -5.42 -21.11
N ASN A 232 -29.52 -4.40 -20.48
CA ASN A 232 -29.68 -3.01 -20.87
C ASN A 232 -28.31 -2.39 -21.12
N ASP A 233 -28.10 -1.92 -22.35
CA ASP A 233 -26.98 -1.08 -22.76
C ASP A 233 -25.64 -1.52 -22.21
N LEU A 234 -25.28 -2.79 -22.39
CA LEU A 234 -24.01 -3.28 -21.88
C LEU A 234 -22.86 -2.80 -22.75
N LYS A 235 -22.01 -1.94 -22.18
CA LYS A 235 -20.79 -1.48 -22.83
C LYS A 235 -19.60 -2.00 -22.05
N ILE A 236 -18.67 -2.66 -22.75
CA ILE A 236 -17.55 -3.34 -22.13
C ILE A 236 -16.26 -2.85 -22.78
N ASP A 237 -15.24 -2.62 -21.95
CA ASP A 237 -13.90 -2.26 -22.42
C ASP A 237 -13.12 -3.55 -22.64
N GLU A 238 -12.64 -3.75 -23.86
CA GLU A 238 -11.89 -4.95 -24.22
C GLU A 238 -10.42 -4.66 -24.51
N SER A 239 -9.87 -3.58 -23.95
CA SER A 239 -8.48 -3.24 -24.22
C SER A 239 -7.51 -4.27 -23.66
N SER A 240 -7.96 -5.07 -22.69
CA SER A 240 -7.08 -6.08 -22.09
C SER A 240 -6.74 -7.20 -23.05
N LEU A 241 -7.57 -7.43 -24.07
CA LEU A 241 -7.34 -8.51 -25.03
C LEU A 241 -7.13 -8.02 -26.45
N THR A 242 -7.72 -6.88 -26.82
CA THR A 242 -7.61 -6.37 -28.18
C THR A 242 -6.63 -5.21 -28.32
N GLY A 243 -6.32 -4.51 -27.22
CA GLY A 243 -5.48 -3.34 -27.29
C GLY A 243 -6.20 -2.06 -27.67
N GLU A 244 -7.50 -2.11 -27.92
CA GLU A 244 -8.29 -0.94 -28.28
C GLU A 244 -9.14 -0.54 -27.08
N SER A 245 -9.05 0.74 -26.70
CA SER A 245 -9.73 1.26 -25.52
C SER A 245 -11.13 1.79 -25.83
N ASP A 246 -11.77 1.29 -26.88
CA ASP A 246 -13.12 1.71 -27.23
C ASP A 246 -14.15 0.81 -26.58
N GLN A 247 -15.27 1.40 -26.18
CA GLN A 247 -16.32 0.66 -25.48
C GLN A 247 -17.15 -0.11 -26.49
N VAL A 248 -17.04 -1.44 -26.47
CA VAL A 248 -17.81 -2.28 -27.36
C VAL A 248 -19.20 -2.47 -26.76
N ARG A 249 -20.24 -2.22 -27.56
CA ARG A 249 -21.62 -2.38 -27.11
C ARG A 249 -22.08 -3.80 -27.42
N LYS A 250 -22.48 -4.53 -26.38
CA LYS A 250 -22.85 -5.93 -26.52
C LYS A 250 -24.36 -6.08 -26.66
N SER A 251 -24.78 -6.94 -27.59
CA SER A 251 -26.18 -7.24 -27.81
C SER A 251 -26.28 -8.61 -28.45
N VAL A 252 -27.46 -9.22 -28.33
CA VAL A 252 -27.66 -10.55 -28.90
C VAL A 252 -27.53 -10.52 -30.42
N ASP A 253 -28.11 -9.50 -31.05
CA ASP A 253 -28.14 -9.43 -32.50
C ASP A 253 -26.81 -9.02 -33.12
N LYS A 254 -25.98 -8.26 -32.41
CA LYS A 254 -24.78 -7.69 -33.00
C LYS A 254 -23.49 -8.28 -32.43
N ASP A 255 -23.36 -8.36 -31.11
CA ASP A 255 -22.12 -8.87 -30.54
C ASP A 255 -22.39 -9.49 -29.17
N PRO A 256 -22.85 -10.74 -29.12
CA PRO A 256 -23.10 -11.40 -27.82
C PRO A 256 -21.86 -11.99 -27.16
N MET A 257 -20.70 -11.98 -27.84
CA MET A 257 -19.51 -12.57 -27.27
C MET A 257 -18.99 -11.73 -26.11
N LEU A 258 -18.71 -12.40 -24.99
CA LEU A 258 -18.08 -11.78 -23.82
C LEU A 258 -16.81 -12.55 -23.52
N LEU A 259 -15.78 -11.84 -23.05
CA LEU A 259 -14.45 -12.41 -22.88
C LEU A 259 -14.00 -12.26 -21.44
N SER A 260 -13.28 -13.26 -20.95
CA SER A 260 -12.71 -13.19 -19.60
C SER A 260 -11.63 -12.14 -19.52
N GLY A 261 -11.56 -11.45 -18.39
CA GLY A 261 -10.57 -10.42 -18.18
C GLY A 261 -10.95 -9.04 -18.67
N THR A 262 -12.11 -8.90 -19.30
CA THR A 262 -12.59 -7.60 -19.77
C THR A 262 -13.38 -6.92 -18.66
N HIS A 263 -13.37 -5.60 -18.68
CA HIS A 263 -14.00 -4.78 -17.65
C HIS A 263 -15.30 -4.20 -18.20
N VAL A 264 -16.38 -4.38 -17.44
CA VAL A 264 -17.68 -3.83 -17.84
C VAL A 264 -17.73 -2.36 -17.45
N MET A 265 -18.03 -1.50 -18.42
CA MET A 265 -18.07 -0.07 -18.20
C MET A 265 -19.49 0.43 -17.94
N GLU A 266 -20.47 -0.01 -18.73
CA GLU A 266 -21.83 0.48 -18.63
C GLU A 266 -22.81 -0.67 -18.80
N GLY A 267 -24.04 -0.44 -18.35
CA GLY A 267 -25.12 -1.39 -18.59
C GLY A 267 -25.10 -2.58 -17.66
N SER A 268 -26.00 -3.51 -17.93
CA SER A 268 -26.12 -4.72 -17.12
C SER A 268 -26.78 -5.80 -17.97
N GLY A 269 -26.73 -7.03 -17.48
CA GLY A 269 -27.34 -8.12 -18.21
C GLY A 269 -27.10 -9.47 -17.58
N ARG A 270 -27.38 -10.51 -18.36
CA ARG A 270 -27.24 -11.89 -17.93
C ARG A 270 -26.41 -12.68 -18.93
N MET A 271 -25.83 -13.78 -18.46
CA MET A 271 -24.90 -14.60 -19.23
C MET A 271 -24.96 -16.03 -18.73
N VAL A 272 -24.94 -17.01 -19.63
CA VAL A 272 -24.80 -18.39 -19.17
C VAL A 272 -23.37 -18.91 -19.33
N VAL A 273 -22.94 -19.18 -20.57
CA VAL A 273 -21.63 -19.75 -20.92
C VAL A 273 -21.46 -19.68 -22.43
N THR A 274 -20.25 -19.36 -22.89
CA THR A 274 -19.85 -19.79 -24.23
C THR A 274 -19.01 -21.06 -24.18
N ALA A 275 -17.83 -20.99 -23.54
CA ALA A 275 -17.08 -22.16 -23.11
C ALA A 275 -16.10 -21.74 -22.02
N VAL A 276 -16.45 -21.96 -20.76
CA VAL A 276 -15.62 -21.45 -19.66
C VAL A 276 -14.56 -22.49 -19.31
N GLY A 277 -13.30 -22.12 -19.47
CA GLY A 277 -12.20 -23.01 -19.20
C GLY A 277 -10.90 -22.42 -19.70
N VAL A 278 -9.80 -23.07 -19.35
CA VAL A 278 -8.47 -22.61 -19.76
C VAL A 278 -8.19 -22.87 -21.23
N ASN A 279 -9.02 -23.70 -21.89
CA ASN A 279 -8.79 -24.01 -23.29
C ASN A 279 -9.09 -22.83 -24.22
N SER A 280 -9.74 -21.79 -23.71
CA SER A 280 -10.06 -20.63 -24.53
C SER A 280 -8.84 -19.73 -24.67
N GLN A 281 -9.06 -18.52 -25.20
CA GLN A 281 -7.98 -17.56 -25.37
C GLN A 281 -7.38 -17.09 -24.06
N THR A 282 -8.07 -17.28 -22.94
CA THR A 282 -7.53 -16.89 -21.65
C THR A 282 -6.27 -17.70 -21.33
N GLY A 283 -6.31 -19.00 -21.61
CA GLY A 283 -5.19 -19.87 -21.31
C GLY A 283 -4.10 -19.89 -22.36
N ILE A 284 -4.30 -19.21 -23.49
CA ILE A 284 -3.28 -19.16 -24.54
C ILE A 284 -2.02 -18.48 -24.03
N ILE A 285 -2.20 -17.36 -23.32
CA ILE A 285 -1.05 -16.65 -22.76
C ILE A 285 -0.42 -17.48 -21.64
N PHE A 286 -1.24 -18.13 -20.82
CA PHE A 286 -0.72 -18.90 -19.70
C PHE A 286 0.14 -20.07 -20.18
N THR A 287 -0.36 -20.84 -21.15
CA THR A 287 0.41 -21.95 -21.68
C THR A 287 1.60 -21.46 -22.49
N LEU A 288 1.40 -20.41 -23.28
CA LEU A 288 2.46 -19.85 -24.11
C LEU A 288 2.28 -18.34 -24.24
N SER A 339 13.04 2.46 -8.16
CA SER A 339 13.41 2.62 -6.75
C SER A 339 14.64 3.52 -6.61
N VAL A 340 14.40 4.76 -6.18
CA VAL A 340 15.49 5.72 -5.98
C VAL A 340 16.39 5.27 -4.84
N LEU A 341 15.78 4.80 -3.74
CA LEU A 341 16.54 4.41 -2.57
C LEU A 341 17.50 3.28 -2.89
N GLN A 342 17.04 2.26 -3.63
CA GLN A 342 17.90 1.14 -3.98
C GLN A 342 19.07 1.59 -4.85
N GLY A 343 18.82 2.48 -5.81
CA GLY A 343 19.90 2.95 -6.65
C GLY A 343 20.93 3.74 -5.88
N LYS A 344 20.48 4.64 -4.99
CA LYS A 344 21.42 5.38 -4.17
C LYS A 344 22.21 4.46 -3.26
N LEU A 345 21.57 3.45 -2.68
CA LEU A 345 22.28 2.50 -1.83
C LEU A 345 23.33 1.73 -2.62
N THR A 346 22.99 1.32 -3.85
CA THR A 346 23.95 0.62 -4.69
C THR A 346 25.15 1.51 -5.03
N LYS A 347 24.89 2.77 -5.36
CA LYS A 347 25.98 3.70 -5.66
C LYS A 347 26.88 3.90 -4.44
N LEU A 348 26.26 4.04 -3.26
CA LEU A 348 27.04 4.16 -2.03
C LEU A 348 27.90 2.92 -1.81
N ALA A 349 27.33 1.74 -2.07
CA ALA A 349 28.06 0.50 -1.87
C ALA A 349 29.27 0.41 -2.80
N VAL A 350 29.10 0.81 -4.06
CA VAL A 350 30.23 0.74 -4.98
C VAL A 350 31.30 1.78 -4.61
N GLN A 351 30.89 2.96 -4.13
CA GLN A 351 31.89 3.92 -3.67
C GLN A 351 32.69 3.39 -2.48
N ILE A 352 32.00 2.79 -1.51
CA ILE A 352 32.69 2.22 -0.36
C ILE A 352 33.63 1.11 -0.78
N GLY A 353 33.18 0.25 -1.70
CA GLY A 353 34.04 -0.82 -2.19
C GLY A 353 35.29 -0.31 -2.87
N LYS A 354 35.14 0.72 -3.71
CA LYS A 354 36.30 1.29 -4.38
C LYS A 354 37.28 1.90 -3.37
N ALA A 355 36.77 2.63 -2.38
CA ALA A 355 37.65 3.21 -1.36
C ALA A 355 38.38 2.12 -0.58
N GLY A 356 37.68 1.05 -0.21
CA GLY A 356 38.33 -0.04 0.51
C GLY A 356 39.39 -0.73 -0.32
N LEU A 357 39.11 -0.93 -1.61
CA LEU A 357 40.10 -1.53 -2.50
C LEU A 357 41.35 -0.67 -2.58
N VAL A 358 41.18 0.64 -2.71
CA VAL A 358 42.33 1.54 -2.78
C VAL A 358 43.15 1.45 -1.50
N MET A 359 42.47 1.49 -0.35
CA MET A 359 43.19 1.42 0.92
C MET A 359 43.93 0.09 1.09
N SER A 360 43.30 -1.01 0.71
CA SER A 360 43.96 -2.32 0.80
C SER A 360 45.19 -2.39 -0.10
N ALA A 361 45.08 -1.86 -1.31
CA ALA A 361 46.22 -1.85 -2.21
C ALA A 361 47.36 -1.03 -1.63
N ILE A 362 47.04 0.14 -1.06
CA ILE A 362 48.09 0.98 -0.46
C ILE A 362 48.75 0.24 0.70
N THR A 363 47.96 -0.41 1.56
CA THR A 363 48.53 -1.12 2.70
C THR A 363 49.45 -2.24 2.25
N VAL A 364 49.01 -3.03 1.27
CA VAL A 364 49.82 -4.14 0.78
C VAL A 364 51.12 -3.63 0.18
N ILE A 365 51.04 -2.57 -0.62
CA ILE A 365 52.24 -2.00 -1.25
C ILE A 365 53.20 -1.52 -0.17
N ILE A 366 52.68 -0.83 0.85
CA ILE A 366 53.54 -0.30 1.90
C ILE A 366 54.25 -1.43 2.64
N LEU A 367 53.51 -2.48 3.00
CA LEU A 367 54.12 -3.58 3.73
C LEU A 367 55.18 -4.28 2.90
N VAL A 368 54.87 -4.57 1.63
CA VAL A 368 55.82 -5.28 0.78
C VAL A 368 57.08 -4.46 0.57
N LEU A 369 56.91 -3.16 0.28
CA LEU A 369 58.07 -2.29 0.06
C LEU A 369 58.92 -2.18 1.31
N TYR A 370 58.28 -2.04 2.48
CA TYR A 370 59.01 -1.96 3.74
C TYR A 370 59.85 -3.20 3.96
N PHE A 371 59.24 -4.38 3.80
CA PHE A 371 59.97 -5.62 4.04
C PHE A 371 61.12 -5.78 3.06
N THR A 372 60.86 -5.50 1.77
CA THR A 372 61.90 -5.67 0.75
C THR A 372 63.06 -4.72 0.98
N VAL A 373 62.77 -3.46 1.31
CA VAL A 373 63.84 -2.49 1.55
C VAL A 373 64.64 -2.87 2.78
N ASP A 374 63.96 -3.32 3.84
CA ASP A 374 64.66 -3.65 5.08
C ASP A 374 65.56 -4.86 4.89
N THR A 375 65.05 -5.93 4.28
CA THR A 375 65.76 -7.20 4.29
C THR A 375 66.92 -7.21 3.31
N PHE A 376 66.82 -6.43 2.23
CA PHE A 376 67.82 -6.51 1.17
C PHE A 376 68.72 -5.27 1.14
N VAL A 377 68.11 -4.10 0.97
CA VAL A 377 68.87 -2.87 0.73
C VAL A 377 69.64 -2.44 1.98
N VAL A 378 68.96 -2.45 3.12
CA VAL A 378 69.56 -1.89 4.34
C VAL A 378 70.60 -2.84 4.91
N ASN A 379 70.19 -4.08 5.20
CA ASN A 379 71.09 -5.05 5.81
C ASN A 379 72.11 -5.64 4.84
N LYS A 380 71.99 -5.33 3.54
CA LYS A 380 72.91 -5.82 2.51
C LYS A 380 72.95 -7.36 2.46
N LYS A 381 71.84 -8.00 2.78
CA LYS A 381 71.79 -9.45 2.78
C LYS A 381 71.78 -9.98 1.36
N PRO A 382 72.73 -10.83 0.96
CA PRO A 382 72.66 -11.43 -0.37
C PRO A 382 71.51 -12.42 -0.47
N TRP A 383 70.87 -12.46 -1.64
CA TRP A 383 69.75 -13.36 -1.83
C TRP A 383 70.26 -14.79 -1.99
N LEU A 384 69.72 -15.69 -1.17
CA LEU A 384 70.08 -17.10 -1.20
C LEU A 384 68.86 -17.93 -1.57
N THR A 385 69.09 -18.95 -2.40
CA THR A 385 67.98 -19.78 -2.87
C THR A 385 67.31 -20.54 -1.73
N GLU A 386 68.09 -21.01 -0.75
CA GLU A 386 67.51 -21.75 0.36
C GLU A 386 66.58 -20.87 1.20
N CYS A 387 66.75 -19.55 1.12
CA CYS A 387 65.86 -18.63 1.82
C CYS A 387 64.59 -18.34 1.03
N THR A 388 64.48 -18.84 -0.20
CA THR A 388 63.29 -18.60 -1.02
C THR A 388 61.99 -19.07 -0.37
N PRO A 389 61.90 -20.27 0.22
CA PRO A 389 60.64 -20.65 0.88
C PRO A 389 60.22 -19.69 1.98
N VAL A 390 61.08 -19.43 2.96
CA VAL A 390 60.71 -18.57 4.07
C VAL A 390 60.20 -17.23 3.54
N TYR A 391 60.92 -16.66 2.58
CA TYR A 391 60.51 -15.38 2.00
C TYR A 391 59.06 -15.41 1.56
N VAL A 392 58.66 -16.41 0.76
CA VAL A 392 57.32 -16.34 0.20
C VAL A 392 56.29 -16.44 1.32
N GLN A 393 56.63 -17.14 2.41
CA GLN A 393 55.74 -17.16 3.56
C GLN A 393 55.39 -15.75 3.98
N TYR A 394 56.40 -14.91 4.21
CA TYR A 394 56.15 -13.51 4.55
C TYR A 394 55.21 -12.87 3.53
N PHE A 395 55.49 -13.06 2.24
CA PHE A 395 54.66 -12.46 1.21
C PHE A 395 53.21 -12.90 1.37
N VAL A 396 52.99 -14.19 1.59
CA VAL A 396 51.63 -14.68 1.77
C VAL A 396 50.98 -13.99 2.96
N LYS A 397 51.72 -13.89 4.07
CA LYS A 397 51.17 -13.27 5.26
C LYS A 397 50.78 -11.82 4.99
N PHE A 398 51.49 -11.16 4.08
CA PHE A 398 51.09 -9.81 3.69
C PHE A 398 49.83 -9.84 2.84
N PHE A 399 49.82 -10.70 1.82
CA PHE A 399 48.76 -10.66 0.81
C PHE A 399 47.39 -10.87 1.45
N ILE A 400 47.28 -11.92 2.28
CA ILE A 400 46.00 -12.22 2.91
C ILE A 400 45.50 -11.02 3.71
N ILE A 401 46.40 -10.25 4.32
CA ILE A 401 45.97 -9.08 5.07
C ILE A 401 45.15 -8.17 4.20
N GLY A 402 45.66 -7.85 2.99
CA GLY A 402 44.90 -7.01 2.09
C GLY A 402 43.53 -7.59 1.81
N VAL A 403 43.47 -8.90 1.54
CA VAL A 403 42.19 -9.55 1.28
C VAL A 403 41.25 -9.29 2.45
N THR A 404 41.74 -9.49 3.67
CA THR A 404 40.91 -9.29 4.84
C THR A 404 40.40 -7.85 4.89
N VAL A 405 41.26 -6.88 4.60
CA VAL A 405 40.83 -5.49 4.60
C VAL A 405 39.67 -5.31 3.64
N LEU A 406 39.77 -5.89 2.44
CA LEU A 406 38.68 -5.81 1.49
C LEU A 406 37.40 -6.38 2.08
N VAL A 407 37.51 -7.55 2.71
CA VAL A 407 36.32 -8.19 3.29
C VAL A 407 35.74 -7.30 4.37
N VAL A 408 36.56 -6.48 5.02
CA VAL A 408 36.05 -5.55 6.01
C VAL A 408 35.36 -4.38 5.32
N ALA A 409 35.95 -3.86 4.25
CA ALA A 409 35.47 -2.60 3.68
C ALA A 409 34.20 -2.79 2.87
N VAL A 410 34.00 -3.98 2.30
CA VAL A 410 32.85 -4.20 1.43
C VAL A 410 31.58 -4.24 2.27
N PRO A 411 30.57 -3.41 1.98
CA PRO A 411 29.32 -3.42 2.77
C PRO A 411 28.35 -4.51 2.31
N GLU A 412 28.63 -5.74 2.77
CA GLU A 412 27.82 -6.89 2.40
C GLU A 412 26.51 -6.95 3.18
N GLY A 413 26.36 -6.13 4.23
CA GLY A 413 25.16 -6.17 5.03
C GLY A 413 24.08 -5.19 4.63
N LEU A 414 24.39 -4.25 3.74
CA LEU A 414 23.39 -3.26 3.32
C LEU A 414 22.22 -3.90 2.56
N PRO A 415 22.43 -4.74 1.53
CA PRO A 415 21.26 -5.36 0.86
C PRO A 415 20.44 -6.20 1.82
N LEU A 416 21.11 -6.90 2.73
CA LEU A 416 20.40 -7.69 3.73
C LEU A 416 19.56 -6.79 4.64
N ALA A 417 20.10 -5.65 5.06
CA ALA A 417 19.33 -4.74 5.89
C ALA A 417 18.11 -4.21 5.15
N VAL A 418 18.27 -3.85 3.88
CA VAL A 418 17.13 -3.35 3.10
C VAL A 418 16.06 -4.43 2.97
N THR A 419 16.48 -5.65 2.63
CA THR A 419 15.51 -6.74 2.46
C THR A 419 14.78 -7.05 3.76
N ILE A 420 15.52 -7.11 4.87
CA ILE A 420 14.90 -7.42 6.16
C ILE A 420 13.94 -6.33 6.56
N SER A 421 14.34 -5.06 6.40
CA SER A 421 13.46 -3.96 6.79
C SER A 421 12.19 -3.97 5.97
N LEU A 422 12.29 -4.16 4.66
CA LEU A 422 11.10 -4.17 3.81
C LEU A 422 10.19 -5.33 4.18
N ALA A 423 10.75 -6.54 4.32
CA ALA A 423 9.92 -7.70 4.62
C ALA A 423 9.23 -7.56 5.98
N TYR A 424 9.98 -7.13 7.00
CA TYR A 424 9.41 -6.97 8.33
C TYR A 424 8.34 -5.88 8.35
N SER A 425 8.59 -4.77 7.65
CA SER A 425 7.62 -3.69 7.60
C SER A 425 6.33 -4.15 6.92
N VAL A 426 6.44 -4.94 5.86
CA VAL A 426 5.25 -5.43 5.17
C VAL A 426 4.48 -6.41 6.07
N LYS A 427 5.20 -7.35 6.70
CA LYS A 427 4.53 -8.34 7.52
C LYS A 427 3.88 -7.71 8.75
N LYS A 428 4.41 -6.59 9.23
CA LYS A 428 3.76 -5.90 10.35
C LYS A 428 2.68 -4.93 9.88
N MET A 429 2.78 -4.42 8.65
CA MET A 429 1.70 -3.63 8.08
C MET A 429 0.47 -4.48 7.86
N MET A 430 0.65 -5.76 7.55
CA MET A 430 -0.49 -6.65 7.38
C MET A 430 -1.33 -6.75 8.65
N LYS A 431 -0.73 -6.47 9.81
CA LYS A 431 -1.49 -6.46 11.07
C LYS A 431 -2.32 -5.19 11.18
N ASP A 432 -1.88 -4.09 10.56
CA ASP A 432 -2.53 -2.79 10.67
C ASP A 432 -3.56 -2.56 9.57
N ASN A 433 -4.20 -3.63 9.10
CA ASN A 433 -5.27 -3.57 8.10
C ASN A 433 -4.80 -3.01 6.77
N ASN A 434 -3.54 -3.24 6.40
CA ASN A 434 -2.99 -2.82 5.12
C ASN A 434 -2.42 -4.04 4.42
N LEU A 435 -2.97 -4.38 3.25
CA LEU A 435 -2.44 -5.45 2.42
C LEU A 435 -1.61 -4.85 1.30
N VAL A 436 -0.33 -5.17 1.29
CA VAL A 436 0.63 -4.57 0.36
C VAL A 436 0.79 -5.50 -0.83
N ARG A 437 0.47 -4.99 -2.02
CA ARG A 437 0.65 -5.76 -3.25
C ARG A 437 1.94 -5.39 -3.97
N HIS A 438 2.33 -4.12 -3.91
CA HIS A 438 3.59 -3.65 -4.48
C HIS A 438 4.53 -3.29 -3.35
N LEU A 439 5.69 -3.99 -3.29
CA LEU A 439 6.60 -3.82 -2.18
C LEU A 439 7.17 -2.40 -2.12
N ASP A 440 7.56 -1.85 -3.26
CA ASP A 440 8.18 -0.52 -3.26
C ASP A 440 7.24 0.55 -2.71
N ALA A 441 5.93 0.35 -2.83
CA ALA A 441 4.95 1.29 -2.30
C ALA A 441 5.05 1.43 -0.79
N CYS A 442 5.72 0.49 -0.10
CA CYS A 442 5.97 0.66 1.32
C CYS A 442 6.86 1.88 1.58
N GLU A 443 7.88 2.08 0.73
CA GLU A 443 8.83 3.16 0.97
C GLU A 443 8.28 4.50 0.47
N THR A 444 7.68 4.50 -0.73
CA THR A 444 7.24 5.74 -1.34
C THR A 444 6.24 6.48 -0.47
N MET A 445 5.37 5.75 0.23
CA MET A 445 4.37 6.38 1.07
C MET A 445 4.98 7.21 2.19
N GLY A 446 6.26 6.97 2.51
CA GLY A 446 6.94 7.80 3.50
C GLY A 446 7.12 9.23 3.02
N ASN A 447 7.33 9.41 1.72
CA ASN A 447 7.57 10.74 1.16
C ASN A 447 6.30 11.38 0.58
N ALA A 448 5.13 10.82 0.86
CA ALA A 448 3.89 11.39 0.37
C ALA A 448 3.69 12.78 0.93
N THR A 449 3.31 13.72 0.06
CA THR A 449 3.08 15.11 0.44
C THR A 449 1.67 15.58 0.11
N ALA A 450 0.81 14.72 -0.41
CA ALA A 450 -0.56 15.08 -0.74
C ALA A 450 -1.41 13.82 -0.78
N ILE A 451 -2.61 13.90 -0.23
CA ILE A 451 -3.54 12.78 -0.18
C ILE A 451 -4.87 13.24 -0.76
N CYS A 452 -5.28 12.65 -1.88
CA CYS A 452 -6.58 12.92 -2.48
C CYS A 452 -7.53 11.78 -2.15
N SER A 453 -8.60 12.10 -1.42
CA SER A 453 -9.53 11.09 -0.93
C SER A 453 -10.96 11.45 -1.29
N ASP A 454 -11.78 10.43 -1.45
CA ASP A 454 -13.21 10.63 -1.69
C ASP A 454 -13.95 10.64 -0.37
N LYS A 455 -15.12 11.29 -0.36
CA LYS A 455 -15.87 11.48 0.87
C LYS A 455 -16.57 10.20 1.32
N THR A 456 -17.46 9.67 0.48
CA THR A 456 -18.26 8.52 0.88
C THR A 456 -17.39 7.28 1.05
N GLY A 457 -17.63 6.55 2.13
CA GLY A 457 -16.90 5.34 2.40
C GLY A 457 -15.67 5.55 3.26
N THR A 458 -14.74 6.39 2.78
CA THR A 458 -13.48 6.62 3.47
C THR A 458 -13.67 7.49 4.70
N LEU A 459 -14.14 8.73 4.51
CA LEU A 459 -14.29 9.65 5.62
C LEU A 459 -15.62 9.47 6.35
N THR A 460 -16.65 9.00 5.65
CA THR A 460 -17.97 8.80 6.24
C THR A 460 -18.24 7.31 6.38
N THR A 461 -19.03 6.96 7.39
CA THR A 461 -19.35 5.56 7.69
C THR A 461 -20.29 4.93 6.67
N ASN A 462 -20.85 5.72 5.75
CA ASN A 462 -21.70 5.23 4.67
C ASN A 462 -23.01 4.61 5.18
N ARG A 463 -23.40 4.92 6.41
CA ARG A 463 -24.70 4.53 6.94
C ARG A 463 -25.56 5.79 7.01
N MET A 464 -26.58 5.85 6.16
CA MET A 464 -27.39 7.06 6.01
C MET A 464 -28.71 6.89 6.78
N THR A 465 -28.99 7.84 7.67
CA THR A 465 -30.21 7.85 8.46
C THR A 465 -30.84 9.23 8.40
N VAL A 466 -32.16 9.28 8.51
CA VAL A 466 -32.91 10.53 8.41
C VAL A 466 -32.89 11.24 9.77
N VAL A 467 -32.55 12.52 9.76
CA VAL A 467 -32.50 13.31 10.97
C VAL A 467 -33.50 14.47 10.97
N GLN A 468 -33.64 15.17 9.84
CA GLN A 468 -34.50 16.35 9.78
C GLN A 468 -35.51 16.19 8.65
N ALA A 469 -36.70 16.77 8.86
CA ALA A 469 -37.76 16.69 7.86
C ALA A 469 -38.52 18.01 7.86
N TYR A 470 -39.16 18.32 6.74
CA TYR A 470 -39.96 19.52 6.56
C TYR A 470 -41.38 19.17 6.12
N VAL A 471 -41.99 18.19 6.77
CA VAL A 471 -43.32 17.74 6.40
C VAL A 471 -44.37 18.68 6.99
N GLY A 472 -45.50 18.81 6.29
CA GLY A 472 -46.61 19.61 6.78
C GLY A 472 -46.30 21.09 6.95
N ASP A 473 -45.42 21.64 6.10
CA ASP A 473 -45.05 23.06 6.13
C ASP A 473 -44.47 23.48 7.46
N VAL A 474 -44.01 22.53 8.28
CA VAL A 474 -43.43 22.81 9.59
C VAL A 474 -42.10 22.07 9.66
N HIS A 475 -41.04 22.79 10.02
CA HIS A 475 -39.72 22.19 10.13
C HIS A 475 -39.57 21.48 11.47
N TYR A 476 -39.12 20.23 11.42
CA TYR A 476 -38.89 19.42 12.61
C TYR A 476 -37.42 19.02 12.65
N LYS A 477 -36.70 19.48 13.68
CA LYS A 477 -35.31 19.07 13.86
C LYS A 477 -35.20 17.65 14.39
N GLU A 478 -36.30 17.05 14.85
CA GLU A 478 -36.35 15.66 15.25
C GLU A 478 -37.47 14.97 14.50
N ILE A 479 -37.41 13.64 14.43
CA ILE A 479 -38.44 12.87 13.75
C ILE A 479 -39.74 13.04 14.52
N PRO A 480 -40.79 13.57 13.90
CA PRO A 480 -42.01 13.89 14.64
C PRO A 480 -42.84 12.65 14.96
N ASP A 481 -43.74 12.81 15.92
CA ASP A 481 -44.67 11.75 16.27
C ASP A 481 -45.67 11.56 15.13
N PRO A 482 -46.11 10.32 14.90
CA PRO A 482 -47.13 10.09 13.85
C PRO A 482 -48.44 10.81 14.10
N SER A 483 -48.73 11.17 15.35
CA SER A 483 -49.96 11.91 15.63
C SER A 483 -49.85 13.37 15.17
N SER A 484 -48.65 13.94 15.24
CA SER A 484 -48.48 15.35 14.88
C SER A 484 -48.73 15.57 13.39
N ILE A 485 -48.24 14.67 12.54
CA ILE A 485 -48.42 14.82 11.11
C ILE A 485 -49.88 14.55 10.76
N ASN A 486 -50.44 15.42 9.90
CA ASN A 486 -51.85 15.34 9.54
C ASN A 486 -52.14 14.05 8.76
N ALA A 487 -53.41 13.66 8.76
CA ALA A 487 -53.85 12.46 8.06
C ALA A 487 -53.76 12.67 6.55
N LYS A 488 -53.80 11.56 5.82
CA LYS A 488 -53.78 11.46 4.36
C LYS A 488 -52.45 11.95 3.78
N THR A 489 -51.55 12.40 4.65
CA THR A 489 -50.21 12.77 4.22
C THR A 489 -49.21 11.68 4.59
N LEU A 490 -49.36 11.10 5.78
CA LEU A 490 -48.51 10.00 6.20
C LEU A 490 -48.64 8.81 5.26
N GLU A 491 -49.89 8.47 4.90
CA GLU A 491 -50.13 7.34 4.02
C GLU A 491 -49.52 7.58 2.64
N LEU A 492 -49.69 8.79 2.11
CA LEU A 492 -49.09 9.13 0.82
C LEU A 492 -47.57 9.03 0.89
N LEU A 493 -46.99 9.51 1.98
CA LEU A 493 -45.53 9.48 2.12
C LEU A 493 -45.01 8.05 2.16
N VAL A 494 -45.63 7.19 2.98
CA VAL A 494 -45.13 5.83 3.11
C VAL A 494 -45.33 5.07 1.81
N ASN A 495 -46.48 5.28 1.16
CA ASN A 495 -46.72 4.62 -0.13
C ASN A 495 -45.69 5.03 -1.16
N ALA A 496 -45.41 6.33 -1.27
CA ALA A 496 -44.45 6.81 -2.24
C ALA A 496 -43.07 6.25 -1.97
N ILE A 497 -42.63 6.28 -0.70
CA ILE A 497 -41.29 5.79 -0.37
C ILE A 497 -41.20 4.29 -0.65
N ALA A 498 -42.20 3.52 -0.25
CA ALA A 498 -42.18 2.08 -0.44
C ALA A 498 -42.14 1.72 -1.92
N ILE A 499 -42.92 2.42 -2.74
CA ILE A 499 -42.96 2.11 -4.16
C ILE A 499 -41.65 2.51 -4.82
N ASN A 500 -41.08 3.65 -4.43
CA ASN A 500 -39.84 4.10 -5.04
C ASN A 500 -38.60 3.39 -4.50
N SER A 501 -38.74 2.58 -3.45
CA SER A 501 -37.57 1.88 -2.90
C SER A 501 -37.00 0.79 -3.83
N ALA A 502 -37.51 0.62 -5.05
CA ALA A 502 -36.96 -0.28 -6.07
C ALA A 502 -37.14 -1.75 -5.70
N TYR A 503 -37.73 -2.02 -4.53
CA TYR A 503 -38.17 -3.35 -4.12
C TYR A 503 -37.00 -4.30 -3.89
N THR A 504 -35.77 -3.81 -4.03
CA THR A 504 -34.60 -4.65 -3.74
C THR A 504 -33.96 -4.26 -2.42
N THR A 505 -34.11 -2.99 -2.02
CA THR A 505 -33.55 -2.52 -0.76
C THR A 505 -34.46 -2.92 0.39
N LYS A 506 -33.86 -3.39 1.48
CA LYS A 506 -34.63 -3.76 2.67
C LYS A 506 -33.78 -3.56 3.91
N ILE A 507 -34.46 -3.25 5.01
CA ILE A 507 -33.80 -3.10 6.30
C ILE A 507 -33.82 -4.46 7.00
N LEU A 508 -32.75 -5.23 6.80
CA LEU A 508 -32.72 -6.56 7.40
C LEU A 508 -32.47 -6.47 8.90
N PRO A 509 -33.08 -7.36 9.67
CA PRO A 509 -32.85 -7.38 11.12
C PRO A 509 -31.38 -7.67 11.42
N PRO A 510 -30.84 -7.09 12.49
CA PRO A 510 -29.41 -7.32 12.79
C PRO A 510 -29.09 -8.77 13.11
N GLU A 511 -29.79 -9.36 14.08
CA GLU A 511 -29.61 -10.75 14.50
C GLU A 511 -28.20 -11.02 15.05
N LYS A 512 -27.44 -9.98 15.36
CA LYS A 512 -26.08 -10.10 15.89
C LYS A 512 -25.96 -9.22 17.13
N GLU A 513 -26.33 -9.79 18.28
CA GLU A 513 -26.21 -9.11 19.58
C GLU A 513 -26.95 -7.78 19.60
N GLY A 514 -28.06 -7.72 18.86
CA GLY A 514 -28.86 -6.49 18.83
C GLY A 514 -28.12 -5.29 18.29
N ALA A 515 -27.36 -5.47 17.22
CA ALA A 515 -26.62 -4.38 16.61
C ALA A 515 -27.55 -3.53 15.74
N LEU A 516 -26.95 -2.59 15.01
CA LEU A 516 -27.73 -1.78 14.10
C LEU A 516 -28.18 -2.62 12.90
N PRO A 517 -29.41 -2.44 12.43
CA PRO A 517 -29.89 -3.23 11.29
C PRO A 517 -29.06 -2.98 10.05
N ARG A 518 -28.84 -4.04 9.27
CA ARG A 518 -28.00 -3.95 8.09
C ARG A 518 -28.78 -3.39 6.90
N GLN A 519 -28.08 -2.66 6.04
CA GLN A 519 -28.65 -2.06 4.85
C GLN A 519 -27.99 -2.71 3.63
N VAL A 520 -28.81 -3.21 2.71
CA VAL A 520 -28.30 -4.00 1.59
C VAL A 520 -28.12 -3.13 0.34
N GLY A 521 -29.14 -2.38 -0.03
CA GLY A 521 -29.11 -1.60 -1.25
C GLY A 521 -28.50 -0.23 -1.11
N ASN A 522 -28.88 0.70 -1.98
CA ASN A 522 -28.36 2.06 -1.91
C ASN A 522 -28.81 2.73 -0.62
N LYS A 523 -27.96 3.63 -0.11
CA LYS A 523 -28.14 4.13 1.25
C LYS A 523 -29.28 5.13 1.37
N THR A 524 -29.59 5.87 0.29
CA THR A 524 -30.63 6.88 0.37
C THR A 524 -32.02 6.24 0.52
N GLU A 525 -32.30 5.22 -0.28
CA GLU A 525 -33.57 4.52 -0.17
C GLU A 525 -33.69 3.81 1.18
N CYS A 526 -32.58 3.25 1.66
CA CYS A 526 -32.57 2.64 2.99
C CYS A 526 -32.85 3.67 4.08
N GLY A 527 -32.29 4.87 3.95
CA GLY A 527 -32.58 5.92 4.92
C GLY A 527 -34.03 6.35 4.89
N LEU A 528 -34.61 6.46 3.69
CA LEU A 528 -36.04 6.77 3.59
C LEU A 528 -36.89 5.67 4.21
N LEU A 529 -36.52 4.41 3.99
CA LEU A 529 -37.25 3.31 4.61
C LEU A 529 -37.11 3.35 6.13
N GLY A 530 -35.93 3.71 6.62
CA GLY A 530 -35.74 3.87 8.06
C GLY A 530 -36.60 4.99 8.62
N PHE A 531 -36.75 6.09 7.86
CA PHE A 531 -37.66 7.15 8.27
C PHE A 531 -39.10 6.64 8.33
N VAL A 532 -39.50 5.85 7.34
CA VAL A 532 -40.85 5.29 7.33
C VAL A 532 -41.06 4.41 8.55
N LEU A 533 -40.08 3.58 8.88
CA LEU A 533 -40.16 2.73 10.07
C LEU A 533 -40.21 3.57 11.34
N ASP A 534 -39.42 4.63 11.40
CA ASP A 534 -39.41 5.52 12.56
C ASP A 534 -40.74 6.23 12.73
N LEU A 535 -41.49 6.44 11.66
CA LEU A 535 -42.84 6.98 11.73
C LEU A 535 -43.86 5.92 12.14
N ARG A 536 -43.40 4.77 12.63
CA ARG A 536 -44.26 3.68 13.10
C ARG A 536 -45.16 3.16 11.99
N GLN A 537 -44.73 3.38 10.74
CA GLN A 537 -45.38 2.81 9.57
C GLN A 537 -44.53 1.65 9.04
N ASP A 538 -45.19 0.74 8.35
CA ASP A 538 -44.53 -0.44 7.77
C ASP A 538 -44.79 -0.46 6.27
N TYR A 539 -43.72 -0.63 5.49
CA TYR A 539 -43.82 -0.61 4.04
C TYR A 539 -44.03 -1.99 3.43
N GLU A 540 -43.90 -3.06 4.22
CA GLU A 540 -44.00 -4.42 3.72
C GLU A 540 -45.39 -4.73 3.15
N PRO A 541 -46.49 -4.41 3.84
CA PRO A 541 -47.82 -4.64 3.21
C PRO A 541 -48.01 -3.82 1.95
N VAL A 542 -47.51 -2.59 1.91
CA VAL A 542 -47.64 -1.76 0.71
C VAL A 542 -46.90 -2.40 -0.45
N ARG A 543 -45.70 -2.92 -0.20
CA ARG A 543 -44.95 -3.61 -1.24
C ARG A 543 -45.65 -4.89 -1.67
N SER A 544 -46.22 -5.63 -0.72
CA SER A 544 -46.90 -6.88 -1.07
C SER A 544 -48.16 -6.64 -1.87
N GLN A 545 -48.81 -5.49 -1.67
CA GLN A 545 -50.00 -5.17 -2.46
C GLN A 545 -49.68 -5.06 -3.95
N MET A 546 -48.56 -4.45 -4.31
CA MET A 546 -48.16 -4.25 -5.69
C MET A 546 -46.74 -4.73 -5.90
N PRO A 547 -46.50 -6.06 -5.89
CA PRO A 547 -45.16 -6.61 -6.11
C PRO A 547 -44.78 -6.69 -7.58
N GLU A 548 -44.65 -5.52 -8.22
CA GLU A 548 -44.39 -5.34 -9.65
C GLU A 548 -45.53 -5.91 -10.48
N GLU A 549 -46.69 -6.18 -9.88
CA GLU A 549 -47.82 -6.75 -10.62
C GLU A 549 -48.49 -5.70 -11.50
N LYS A 550 -48.66 -4.48 -10.99
CA LYS A 550 -49.33 -3.40 -11.70
C LYS A 550 -48.44 -2.17 -11.82
N LEU A 551 -47.14 -2.38 -11.97
CA LEU A 551 -46.16 -1.29 -12.09
C LEU A 551 -46.04 -0.93 -13.57
N TYR A 552 -46.63 0.21 -13.95
CA TYR A 552 -46.79 0.51 -15.37
C TYR A 552 -45.47 0.82 -16.05
N LYS A 553 -44.78 1.86 -15.61
CA LYS A 553 -43.54 2.31 -16.21
C LYS A 553 -42.60 2.81 -15.12
N VAL A 554 -41.33 2.47 -15.23
CA VAL A 554 -40.32 2.86 -14.24
C VAL A 554 -39.19 3.59 -14.96
N TYR A 555 -38.85 4.77 -14.45
CA TYR A 555 -37.71 5.55 -14.94
C TYR A 555 -36.53 5.25 -14.02
N THR A 556 -35.58 4.48 -14.51
CA THR A 556 -34.46 4.02 -13.69
C THR A 556 -33.56 5.20 -13.29
N PHE A 557 -33.12 5.16 -12.04
CA PHE A 557 -32.28 6.23 -11.49
C PHE A 557 -30.90 6.20 -12.14
N ASN A 558 -30.35 7.38 -12.40
CA ASN A 558 -29.01 7.52 -12.91
C ASN A 558 -28.43 8.87 -12.47
N SER A 559 -27.11 9.00 -12.57
CA SER A 559 -26.43 10.19 -12.06
C SER A 559 -26.76 11.44 -12.85
N VAL A 560 -27.32 11.31 -14.05
CA VAL A 560 -27.63 12.48 -14.86
C VAL A 560 -28.86 13.20 -14.30
N ARG A 561 -29.98 12.48 -14.22
CA ARG A 561 -31.22 13.10 -13.75
C ARG A 561 -31.22 13.29 -12.24
N LYS A 562 -30.46 12.46 -11.51
CA LYS A 562 -30.40 12.50 -10.06
C LYS A 562 -31.79 12.30 -9.44
N SER A 563 -32.61 11.49 -10.08
CA SER A 563 -33.97 11.23 -9.62
C SER A 563 -34.46 9.94 -10.26
N MET A 564 -35.61 9.47 -9.80
CA MET A 564 -36.26 8.29 -10.38
C MET A 564 -37.76 8.46 -10.26
N SER A 565 -38.49 8.11 -11.31
CA SER A 565 -39.94 8.25 -11.37
C SER A 565 -40.57 6.88 -11.52
N THR A 566 -41.76 6.71 -10.96
CA THR A 566 -42.49 5.45 -10.99
C THR A 566 -43.94 5.71 -11.33
N VAL A 567 -44.50 4.89 -12.23
CA VAL A 567 -45.87 5.04 -12.72
C VAL A 567 -46.70 3.86 -12.20
N ILE A 568 -47.80 4.17 -11.53
CA ILE A 568 -48.71 3.18 -10.97
C ILE A 568 -50.06 3.35 -11.65
N LYS A 569 -50.58 2.25 -12.21
CA LYS A 569 -51.90 2.25 -12.84
C LYS A 569 -52.96 1.59 -11.95
N MET A 570 -52.64 1.33 -10.68
CA MET A 570 -53.59 0.72 -9.76
C MET A 570 -54.88 1.53 -9.60
N PRO A 571 -54.85 2.86 -9.44
CA PRO A 571 -56.11 3.60 -9.38
C PRO A 571 -56.90 3.43 -10.68
N ASP A 572 -58.22 3.40 -10.55
CA ASP A 572 -59.10 3.12 -11.68
C ASP A 572 -58.97 4.17 -12.77
N GLU A 573 -58.38 3.78 -13.90
CA GLU A 573 -58.17 4.66 -15.06
C GLU A 573 -57.50 5.96 -14.64
N SER A 574 -56.44 5.84 -13.83
CA SER A 574 -55.69 6.98 -13.36
C SER A 574 -54.21 6.64 -13.32
N PHE A 575 -53.38 7.67 -13.41
CA PHE A 575 -51.93 7.54 -13.37
C PHE A 575 -51.38 8.40 -12.25
N ARG A 576 -50.51 7.83 -11.42
CA ARG A 576 -49.88 8.52 -10.32
C ARG A 576 -48.37 8.34 -10.43
N MET A 577 -47.63 9.44 -10.34
CA MET A 577 -46.17 9.41 -10.44
C MET A 577 -45.59 10.05 -9.19
N TYR A 578 -44.61 9.39 -8.58
CA TYR A 578 -44.04 9.90 -7.34
C TYR A 578 -42.81 10.76 -7.61
N SER A 579 -41.77 10.17 -8.19
CA SER A 579 -40.61 10.89 -8.72
C SER A 579 -39.90 11.69 -7.62
N LYS A 580 -39.28 10.95 -6.71
CA LYS A 580 -38.38 11.56 -5.74
C LYS A 580 -37.16 12.14 -6.45
N GLY A 581 -36.57 13.17 -5.87
CA GLY A 581 -35.47 13.85 -6.52
C GLY A 581 -34.34 14.30 -5.61
N ALA A 582 -33.57 15.28 -6.07
CA ALA A 582 -32.39 15.76 -5.36
C ALA A 582 -32.60 17.12 -4.72
N SER A 583 -33.85 17.61 -4.66
CA SER A 583 -34.21 18.85 -3.97
C SER A 583 -33.67 20.08 -4.71
N GLU A 584 -32.98 19.89 -5.82
CA GLU A 584 -32.55 21.03 -6.62
C GLU A 584 -33.05 20.93 -8.06
N ILE A 585 -33.25 19.70 -8.55
CA ILE A 585 -33.89 19.53 -9.86
C ILE A 585 -35.40 19.43 -9.70
N VAL A 586 -35.84 18.49 -8.84
CA VAL A 586 -37.26 18.19 -8.71
C VAL A 586 -38.01 19.35 -8.04
N LEU A 587 -37.38 20.00 -7.06
CA LEU A 587 -38.07 21.01 -6.26
C LEU A 587 -38.54 22.18 -7.13
N LYS A 588 -37.70 22.62 -8.06
CA LYS A 588 -38.09 23.75 -8.91
C LYS A 588 -39.17 23.36 -9.90
N LYS A 589 -39.28 22.06 -10.21
CA LYS A 589 -40.29 21.62 -11.18
C LYS A 589 -41.69 21.58 -10.58
N CYS A 590 -41.80 21.38 -9.26
CA CYS A 590 -43.12 21.28 -8.64
C CYS A 590 -43.84 22.63 -8.71
N CYS A 591 -45.14 22.58 -9.01
CA CYS A 591 -45.93 23.79 -9.15
C CYS A 591 -46.93 23.99 -8.02
N LYS A 592 -47.19 22.96 -7.22
CA LYS A 592 -48.03 23.09 -6.04
C LYS A 592 -47.34 22.39 -4.87
N ILE A 593 -47.83 22.68 -3.66
CA ILE A 593 -47.29 22.11 -2.43
C ILE A 593 -48.45 21.62 -1.57
N LEU A 594 -48.29 20.42 -1.01
CA LEU A 594 -49.30 19.80 -0.15
C LEU A 594 -48.90 20.08 1.30
N SER A 595 -49.64 20.98 1.95
CA SER A 595 -49.34 21.41 3.31
C SER A 595 -50.63 21.45 4.13
N GLY A 596 -50.47 21.67 5.42
CA GLY A 596 -51.62 21.73 6.31
C GLY A 596 -52.30 20.38 6.41
N ALA A 597 -53.64 20.40 6.40
CA ALA A 597 -54.44 19.18 6.50
C ALA A 597 -54.80 18.73 5.09
N GLY A 598 -53.79 18.28 4.36
CA GLY A 598 -54.01 17.82 2.99
C GLY A 598 -54.52 18.90 2.06
N GLU A 599 -53.96 20.10 2.17
CA GLU A 599 -54.37 21.24 1.35
C GLU A 599 -53.29 21.47 0.29
N ALA A 600 -53.70 21.43 -0.98
CA ALA A 600 -52.79 21.69 -2.07
C ALA A 600 -52.87 23.16 -2.47
N ARG A 601 -51.77 23.90 -2.26
CA ARG A 601 -51.75 25.33 -2.56
C ARG A 601 -50.70 25.61 -3.63
N VAL A 602 -50.94 26.66 -4.41
CA VAL A 602 -50.05 26.97 -5.53
C VAL A 602 -48.68 27.39 -5.01
N PHE A 603 -47.63 26.84 -5.62
CA PHE A 603 -46.25 27.15 -5.25
C PHE A 603 -45.69 28.14 -6.26
N ARG A 604 -45.31 29.33 -5.77
CA ARG A 604 -44.81 30.41 -6.59
C ARG A 604 -43.30 30.53 -6.47
N PRO A 605 -42.62 31.09 -7.48
CA PRO A 605 -41.15 31.20 -7.41
C PRO A 605 -40.65 31.99 -6.22
N ARG A 606 -41.38 33.02 -5.79
CA ARG A 606 -41.00 33.74 -4.57
C ARG A 606 -41.04 32.81 -3.37
N ASP A 607 -42.10 32.01 -3.27
CA ASP A 607 -42.16 30.99 -2.22
C ASP A 607 -41.03 29.98 -2.38
N ARG A 608 -40.67 29.65 -3.62
CA ARG A 608 -39.58 28.71 -3.86
C ARG A 608 -38.28 29.23 -3.25
N ASP A 609 -37.91 30.47 -3.59
CA ASP A 609 -36.64 31.00 -3.10
C ASP A 609 -36.69 31.24 -1.60
N GLU A 610 -37.84 31.70 -1.09
CA GLU A 610 -37.98 31.94 0.34
C GLU A 610 -37.81 30.64 1.13
N MET A 611 -38.49 29.57 0.68
CA MET A 611 -38.38 28.29 1.38
C MET A 611 -36.99 27.70 1.23
N VAL A 612 -36.36 27.89 0.06
CA VAL A 612 -34.97 27.48 -0.10
C VAL A 612 -34.10 28.12 0.96
N LYS A 613 -34.09 29.45 1.00
CA LYS A 613 -33.22 30.17 1.93
C LYS A 613 -33.53 29.80 3.38
N LYS A 614 -34.82 29.65 3.71
CA LYS A 614 -35.21 29.37 5.08
C LYS A 614 -34.84 27.96 5.52
N VAL A 615 -35.05 26.97 4.64
CA VAL A 615 -35.11 25.58 5.08
C VAL A 615 -33.98 24.75 4.48
N ILE A 616 -33.74 24.88 3.17
CA ILE A 616 -32.80 23.98 2.50
C ILE A 616 -31.37 24.30 2.93
N GLU A 617 -31.04 25.58 3.00
CA GLU A 617 -29.68 25.98 3.36
C GLU A 617 -29.27 25.48 4.75
N PRO A 618 -30.09 25.54 5.79
CA PRO A 618 -29.66 24.99 7.09
C PRO A 618 -29.31 23.51 7.07
N MET A 619 -30.05 22.66 6.35
CA MET A 619 -29.66 21.25 6.26
C MET A 619 -28.30 21.11 5.59
N ALA A 620 -28.09 21.82 4.47
CA ALA A 620 -26.83 21.71 3.75
C ALA A 620 -25.67 22.20 4.61
N CYS A 621 -25.86 23.30 5.33
CA CYS A 621 -24.82 23.82 6.22
C CYS A 621 -24.62 22.93 7.44
N ASP A 622 -25.61 22.12 7.81
CA ASP A 622 -25.48 21.18 8.91
C ASP A 622 -24.81 19.88 8.49
N GLY A 623 -24.47 19.73 7.21
CA GLY A 623 -23.85 18.53 6.71
C GLY A 623 -24.82 17.51 6.15
N LEU A 624 -26.10 17.83 6.05
CA LEU A 624 -27.09 16.88 5.56
C LEU A 624 -27.29 17.04 4.06
N ARG A 625 -27.85 16.00 3.45
CA ARG A 625 -28.17 15.99 2.03
C ARG A 625 -29.68 16.09 1.86
N THR A 626 -30.11 17.04 1.02
CA THR A 626 -31.53 17.36 0.86
C THR A 626 -32.13 16.49 -0.24
N ILE A 627 -33.24 15.83 0.07
CA ILE A 627 -33.96 14.98 -0.87
C ILE A 627 -35.42 15.39 -0.86
N CYS A 628 -36.00 15.55 -2.05
CA CYS A 628 -37.38 16.01 -2.20
C CYS A 628 -38.26 14.85 -2.63
N VAL A 629 -39.45 14.77 -2.03
CA VAL A 629 -40.46 13.77 -2.39
C VAL A 629 -41.68 14.50 -2.91
N ALA A 630 -42.20 14.02 -4.05
CA ALA A 630 -43.33 14.66 -4.69
C ALA A 630 -44.29 13.60 -5.20
N TYR A 631 -45.33 14.05 -5.91
CA TYR A 631 -46.30 13.19 -6.57
C TYR A 631 -47.15 14.04 -7.50
N ARG A 632 -47.71 13.42 -8.53
CA ARG A 632 -48.53 14.09 -9.51
C ARG A 632 -49.53 13.10 -10.10
N ASP A 633 -50.74 13.58 -10.36
CA ASP A 633 -51.83 12.78 -10.88
C ASP A 633 -52.16 13.20 -12.30
N PHE A 634 -52.37 12.21 -13.17
CA PHE A 634 -52.77 12.45 -14.54
C PHE A 634 -54.27 12.24 -14.71
N PRO A 635 -54.92 12.97 -15.61
CA PRO A 635 -56.34 12.74 -15.87
C PRO A 635 -56.57 11.38 -16.53
N SER A 636 -57.79 10.87 -16.34
CA SER A 636 -58.32 9.61 -16.87
C SER A 636 -57.35 8.85 -17.77
N SER A 637 -57.53 8.94 -19.08
CA SER A 637 -56.60 8.37 -20.04
C SER A 637 -56.65 9.14 -21.35
N PRO A 638 -56.29 10.43 -21.36
CA PRO A 638 -56.36 11.18 -22.62
C PRO A 638 -55.28 10.79 -23.61
N GLU A 639 -54.03 10.65 -23.16
CA GLU A 639 -52.92 10.29 -24.04
C GLU A 639 -51.73 9.84 -23.22
N PRO A 640 -51.08 8.73 -23.59
CA PRO A 640 -49.84 8.30 -22.92
C PRO A 640 -48.62 9.02 -23.48
N ASP A 641 -48.52 10.32 -23.20
CA ASP A 641 -47.43 11.14 -23.70
C ASP A 641 -46.19 11.01 -22.83
N TRP A 642 -45.75 9.78 -22.60
CA TRP A 642 -44.56 9.51 -21.80
C TRP A 642 -43.29 9.44 -22.64
N ASP A 643 -43.38 9.68 -23.94
CA ASP A 643 -42.21 9.67 -24.81
C ASP A 643 -41.21 10.75 -24.44
N ASN A 644 -41.70 11.96 -24.17
CA ASN A 644 -40.83 13.05 -23.75
C ASN A 644 -40.74 13.09 -22.23
N GLU A 645 -39.52 13.28 -21.72
CA GLU A 645 -39.33 13.32 -20.27
C GLU A 645 -39.43 14.74 -19.71
N ASN A 646 -39.09 15.74 -20.51
CA ASN A 646 -39.14 17.13 -20.02
C ASN A 646 -40.56 17.56 -19.69
N ASP A 647 -41.52 17.22 -20.55
CA ASP A 647 -42.89 17.65 -20.36
C ASP A 647 -43.66 16.77 -19.39
N ILE A 648 -43.08 15.64 -18.96
CA ILE A 648 -43.80 14.75 -18.05
C ILE A 648 -43.29 14.90 -16.63
N LEU A 649 -42.02 15.30 -16.45
CA LEU A 649 -41.43 15.45 -15.12
C LEU A 649 -41.53 16.92 -14.71
N ASN A 650 -42.78 17.35 -14.51
CA ASN A 650 -43.08 18.71 -14.10
C ASN A 650 -44.47 18.75 -13.49
N GLU A 651 -44.86 19.93 -13.00
CA GLU A 651 -46.16 20.14 -12.36
C GLU A 651 -46.39 19.16 -11.21
N LEU A 652 -45.32 18.85 -10.48
CA LEU A 652 -45.43 17.96 -9.33
C LEU A 652 -45.92 18.72 -8.10
N THR A 653 -46.25 17.98 -7.05
CA THR A 653 -46.63 18.55 -5.76
C THR A 653 -45.72 17.95 -4.70
N CYS A 654 -44.95 18.80 -4.03
CA CYS A 654 -43.97 18.34 -3.05
C CYS A 654 -44.68 17.96 -1.76
N ILE A 655 -44.41 16.76 -1.26
CA ILE A 655 -44.98 16.30 0.00
C ILE A 655 -44.11 16.76 1.16
N CYS A 656 -42.82 16.41 1.12
CA CYS A 656 -41.91 16.72 2.21
C CYS A 656 -40.48 16.77 1.69
N VAL A 657 -39.60 17.33 2.51
CA VAL A 657 -38.17 17.43 2.22
C VAL A 657 -37.41 16.78 3.38
N VAL A 658 -36.44 15.94 3.05
CA VAL A 658 -35.75 15.11 4.04
C VAL A 658 -34.26 15.40 3.99
N GLY A 659 -33.65 15.48 5.17
CA GLY A 659 -32.22 15.62 5.27
C GLY A 659 -31.56 14.33 5.73
N ILE A 660 -30.78 13.72 4.85
CA ILE A 660 -30.13 12.43 5.11
C ILE A 660 -28.65 12.68 5.37
N GLU A 661 -28.14 12.14 6.47
CA GLU A 661 -26.77 12.35 6.89
C GLU A 661 -26.05 11.03 7.07
N ASP A 662 -24.78 11.00 6.69
CA ASP A 662 -23.89 9.88 6.98
C ASP A 662 -22.86 10.31 8.01
N PRO A 663 -22.88 9.75 9.23
CA PRO A 663 -21.97 10.22 10.27
C PRO A 663 -20.51 10.05 9.88
N VAL A 664 -19.70 11.02 10.28
CA VAL A 664 -18.27 10.96 10.04
C VAL A 664 -17.65 9.91 10.95
N ARG A 665 -16.53 9.32 10.50
CA ARG A 665 -15.87 8.30 11.29
C ARG A 665 -15.34 8.90 12.59
N PRO A 666 -15.36 8.13 13.68
CA PRO A 666 -14.91 8.70 14.97
C PRO A 666 -13.46 9.13 14.99
N GLU A 667 -12.59 8.43 14.24
CA GLU A 667 -11.15 8.64 14.37
C GLU A 667 -10.53 9.43 13.23
N VAL A 668 -11.29 9.81 12.21
CA VAL A 668 -10.71 10.52 11.07
C VAL A 668 -10.29 11.96 11.39
N PRO A 669 -10.93 12.70 12.31
CA PRO A 669 -10.39 14.05 12.61
C PRO A 669 -8.97 14.00 13.15
N GLU A 670 -8.69 13.08 14.07
CA GLU A 670 -7.35 12.96 14.63
C GLU A 670 -6.36 12.53 13.55
N ALA A 671 -6.77 11.61 12.67
CA ALA A 671 -5.90 11.16 11.59
C ALA A 671 -5.58 12.31 10.63
N ILE A 672 -6.59 13.14 10.31
CA ILE A 672 -6.35 14.27 9.43
C ILE A 672 -5.45 15.30 10.10
N ARG A 673 -5.61 15.50 11.40
CA ARG A 673 -4.72 16.40 12.12
C ARG A 673 -3.28 15.89 12.10
N LYS A 674 -3.11 14.58 12.28
CA LYS A 674 -1.78 13.98 12.19
C LYS A 674 -1.19 14.16 10.80
N CYS A 675 -2.00 13.94 9.76
CA CYS A 675 -1.53 14.06 8.40
C CYS A 675 -1.10 15.49 8.09
N GLN A 676 -1.89 16.47 8.54
CA GLN A 676 -1.54 17.87 8.28
C GLN A 676 -0.35 18.32 9.11
N ARG A 677 -0.15 17.73 10.29
CA ARG A 677 1.00 18.06 11.10
C ARG A 677 2.30 17.54 10.47
N ALA A 678 2.24 16.37 9.85
CA ALA A 678 3.40 15.73 9.25
C ALA A 678 3.74 16.28 7.87
N GLY A 679 3.17 17.42 7.48
CA GLY A 679 3.48 18.04 6.22
C GLY A 679 2.70 17.54 5.02
N ILE A 680 1.70 16.70 5.23
CA ILE A 680 0.88 16.15 4.14
C ILE A 680 -0.45 16.88 4.12
N THR A 681 -0.81 17.37 2.94
CA THR A 681 -2.07 18.10 2.75
C THR A 681 -3.13 17.17 2.18
N VAL A 682 -4.35 17.26 2.71
CA VAL A 682 -5.44 16.38 2.36
C VAL A 682 -6.47 17.16 1.55
N ARG A 683 -6.86 16.61 0.40
CA ARG A 683 -7.91 17.17 -0.43
C ARG A 683 -9.01 16.13 -0.61
N MET A 684 -10.24 16.63 -0.73
CA MET A 684 -11.43 15.79 -0.80
C MET A 684 -12.13 16.00 -2.13
N VAL A 685 -12.47 14.90 -2.79
CA VAL A 685 -13.19 14.92 -4.06
C VAL A 685 -14.48 14.14 -3.85
N THR A 686 -15.62 14.82 -4.04
CA THR A 686 -16.92 14.23 -3.78
C THR A 686 -17.92 14.70 -4.82
N GLY A 687 -18.94 13.88 -5.05
CA GLY A 687 -20.02 14.19 -5.98
C GLY A 687 -21.21 14.91 -5.38
N ASP A 688 -21.16 15.27 -4.10
CA ASP A 688 -22.24 16.00 -3.47
C ASP A 688 -22.19 17.47 -3.85
N ASN A 689 -23.27 18.19 -3.53
CA ASN A 689 -23.31 19.62 -3.79
C ASN A 689 -22.32 20.35 -2.88
N ILE A 690 -22.00 21.59 -3.26
CA ILE A 690 -20.89 22.30 -2.65
C ILE A 690 -21.14 22.58 -1.17
N ASN A 691 -22.38 22.89 -0.80
CA ASN A 691 -22.68 23.24 0.58
C ASN A 691 -22.46 22.05 1.51
N THR A 692 -23.01 20.88 1.15
CA THR A 692 -22.85 19.69 1.97
C THR A 692 -21.39 19.27 2.04
N ALA A 693 -20.68 19.33 0.91
CA ALA A 693 -19.27 18.96 0.90
C ALA A 693 -18.45 19.87 1.82
N ARG A 694 -18.70 21.17 1.75
CA ARG A 694 -17.98 22.11 2.61
C ARG A 694 -18.33 21.88 4.08
N ALA A 695 -19.60 21.64 4.38
CA ALA A 695 -20.00 21.40 5.77
C ALA A 695 -19.36 20.14 6.33
N ILE A 696 -19.29 19.07 5.52
CA ILE A 696 -18.66 17.85 5.98
C ILE A 696 -17.15 18.03 6.12
N ALA A 697 -16.52 18.77 5.19
CA ALA A 697 -15.09 18.98 5.27
C ALA A 697 -14.72 19.81 6.49
N ILE A 698 -15.59 20.74 6.89
CA ILE A 698 -15.34 21.52 8.10
C ILE A 698 -15.29 20.61 9.32
N LYS A 699 -16.24 19.67 9.41
CA LYS A 699 -16.23 18.72 10.53
C LYS A 699 -15.03 17.80 10.46
N CYS A 700 -14.64 17.38 9.26
CA CYS A 700 -13.46 16.53 9.11
C CYS A 700 -12.16 17.27 9.39
N GLY A 701 -12.17 18.59 9.40
CA GLY A 701 -10.99 19.38 9.64
C GLY A 701 -10.09 19.60 8.44
N ILE A 702 -10.55 19.23 7.24
CA ILE A 702 -9.73 19.42 6.05
C ILE A 702 -9.53 20.91 5.78
N ILE A 703 -10.61 21.69 5.83
CA ILE A 703 -10.57 23.13 5.61
C ILE A 703 -10.97 23.82 6.91
N HIS A 704 -10.10 24.69 7.41
CA HIS A 704 -10.39 25.42 8.63
C HIS A 704 -11.45 26.49 8.37
N PRO A 705 -12.19 26.91 9.40
CA PRO A 705 -13.26 27.91 9.18
C PRO A 705 -12.78 29.19 8.52
N GLY A 706 -11.79 29.86 9.10
CA GLY A 706 -11.27 31.08 8.50
C GLY A 706 -9.92 30.90 7.85
N GLU A 707 -9.92 30.83 6.51
CA GLU A 707 -8.70 30.66 5.73
C GLU A 707 -8.98 31.09 4.30
N ASP A 708 -7.93 31.00 3.46
CA ASP A 708 -8.04 31.39 2.06
C ASP A 708 -8.17 30.16 1.17
N PHE A 709 -8.58 29.03 1.75
CA PHE A 709 -8.77 27.82 0.98
C PHE A 709 -9.92 27.98 -0.01
N LEU A 710 -9.79 27.33 -1.16
CA LEU A 710 -10.72 27.48 -2.27
C LEU A 710 -11.45 26.16 -2.51
N CYS A 711 -12.78 26.24 -2.62
CA CYS A 711 -13.62 25.09 -2.93
C CYS A 711 -14.53 25.48 -4.10
N LEU A 712 -14.45 24.72 -5.19
CA LEU A 712 -15.19 25.02 -6.40
C LEU A 712 -15.72 23.74 -7.04
N GLU A 713 -16.75 23.89 -7.86
CA GLU A 713 -17.41 22.78 -8.49
C GLU A 713 -16.64 22.29 -9.71
N GLY A 714 -17.02 21.12 -10.20
CA GLY A 714 -16.34 20.53 -11.36
C GLY A 714 -16.55 21.31 -12.65
N LYS A 715 -17.76 21.85 -12.85
CA LYS A 715 -18.04 22.60 -14.07
C LYS A 715 -17.12 23.80 -14.21
N GLU A 716 -17.05 24.63 -13.16
CA GLU A 716 -16.16 25.79 -13.21
C GLU A 716 -14.70 25.35 -13.20
N PHE A 717 -14.40 24.19 -12.60
CA PHE A 717 -13.04 23.65 -12.68
C PHE A 717 -12.64 23.42 -14.13
N ASN A 718 -13.46 22.70 -14.89
CA ASN A 718 -13.14 22.42 -16.28
C ASN A 718 -13.16 23.70 -17.11
N ARG A 719 -14.04 24.63 -16.80
CA ARG A 719 -14.11 25.88 -17.56
C ARG A 719 -12.87 26.72 -17.34
N ARG A 720 -12.37 26.77 -16.10
CA ARG A 720 -11.27 27.68 -15.77
C ARG A 720 -9.93 27.08 -16.16
N ILE A 721 -9.72 25.79 -15.90
CA ILE A 721 -8.44 25.18 -16.26
C ILE A 721 -8.25 25.03 -17.76
N ARG A 722 -9.28 25.30 -18.56
CA ARG A 722 -9.22 25.17 -20.02
C ARG A 722 -9.31 26.56 -20.64
N ASN A 723 -8.19 27.01 -21.23
CA ASN A 723 -8.19 28.22 -22.02
C ASN A 723 -8.85 27.95 -23.37
N GLU A 724 -8.95 28.99 -24.20
CA GLU A 724 -9.94 28.94 -25.28
C GLU A 724 -9.64 27.77 -26.20
N LYS A 725 -10.70 27.19 -26.77
CA LYS A 725 -10.70 25.93 -27.52
C LYS A 725 -10.73 24.78 -26.52
N GLY A 726 -10.90 23.56 -26.98
CA GLY A 726 -11.09 22.43 -26.10
C GLY A 726 -9.85 21.85 -25.45
N GLU A 727 -8.68 22.40 -25.74
CA GLU A 727 -7.46 21.88 -25.15
C GLU A 727 -7.38 22.22 -23.67
N ILE A 728 -6.59 21.44 -22.93
CA ILE A 728 -6.36 21.65 -21.51
C ILE A 728 -4.87 21.92 -21.31
N GLU A 729 -4.57 23.01 -20.61
CA GLU A 729 -3.20 23.46 -20.42
C GLU A 729 -2.81 23.36 -18.96
N GLN A 730 -1.61 22.83 -18.69
CA GLN A 730 -1.12 22.70 -17.33
C GLN A 730 -0.77 24.04 -16.68
N GLU A 731 -0.45 25.05 -17.47
CA GLU A 731 -0.17 26.37 -16.91
C GLU A 731 -1.39 26.93 -16.19
N ARG A 732 -2.58 26.70 -16.74
CA ARG A 732 -3.80 27.11 -16.05
C ARG A 732 -4.02 26.29 -14.79
N ILE A 733 -3.76 24.99 -14.84
CA ILE A 733 -3.95 24.13 -13.68
C ILE A 733 -2.99 24.51 -12.56
N ASP A 734 -1.85 25.12 -12.89
CA ASP A 734 -0.88 25.49 -11.88
C ASP A 734 -1.41 26.51 -10.89
N LYS A 735 -2.51 27.20 -11.20
CA LYS A 735 -3.07 28.20 -10.30
C LYS A 735 -4.13 27.62 -9.36
N ILE A 736 -4.84 26.58 -9.80
CA ILE A 736 -5.97 26.07 -9.02
C ILE A 736 -5.49 25.12 -7.93
N TRP A 737 -4.57 24.22 -8.27
CA TRP A 737 -4.21 23.15 -7.34
C TRP A 737 -3.50 23.61 -6.06
N PRO A 738 -2.71 24.72 -6.02
CA PRO A 738 -2.03 25.07 -4.76
C PRO A 738 -2.96 25.26 -3.57
N LYS A 739 -4.16 25.79 -3.80
CA LYS A 739 -5.06 26.05 -2.69
C LYS A 739 -6.48 25.56 -2.98
N LEU A 740 -6.60 24.37 -3.56
CA LEU A 740 -7.90 23.75 -3.84
C LEU A 740 -8.10 22.65 -2.80
N ARG A 741 -9.06 22.86 -1.90
CA ARG A 741 -9.25 21.90 -0.81
C ARG A 741 -10.43 20.97 -1.06
N VAL A 742 -11.56 21.51 -1.51
CA VAL A 742 -12.79 20.74 -1.68
C VAL A 742 -13.26 20.86 -3.12
N LEU A 743 -13.54 19.73 -3.74
CA LEU A 743 -14.13 19.68 -5.08
C LEU A 743 -15.48 19.00 -5.00
N ALA A 744 -16.50 19.66 -5.52
CA ALA A 744 -17.88 19.19 -5.40
C ALA A 744 -18.48 18.98 -6.78
N ARG A 745 -19.48 18.10 -6.83
CA ARG A 745 -20.14 17.71 -8.09
C ARG A 745 -19.11 17.21 -9.10
N SER A 746 -18.12 16.48 -8.60
CA SER A 746 -17.00 16.05 -9.44
C SER A 746 -17.44 14.94 -10.39
N SER A 747 -16.97 15.03 -11.63
CA SER A 747 -17.16 13.98 -12.61
C SER A 747 -16.23 12.82 -12.28
N PRO A 748 -16.53 11.62 -12.79
CA PRO A 748 -15.63 10.48 -12.51
C PRO A 748 -14.21 10.70 -12.99
N THR A 749 -14.01 11.45 -14.07
CA THR A 749 -12.68 11.71 -14.59
C THR A 749 -12.02 12.92 -13.95
N ASP A 750 -12.79 13.82 -13.33
CA ASP A 750 -12.24 15.05 -12.80
C ASP A 750 -11.19 14.82 -11.72
N LYS A 751 -11.23 13.68 -11.03
CA LYS A 751 -10.16 13.35 -10.10
C LYS A 751 -8.83 13.18 -10.84
N HIS A 752 -8.85 12.40 -11.92
CA HIS A 752 -7.61 12.15 -12.69
C HIS A 752 -6.98 13.46 -13.13
N THR A 753 -7.77 14.34 -13.74
CA THR A 753 -7.27 15.64 -14.18
C THR A 753 -6.59 16.39 -13.05
N LEU A 754 -7.10 16.26 -11.82
CA LEU A 754 -6.43 16.88 -10.69
C LEU A 754 -5.10 16.22 -10.40
N VAL A 755 -5.08 14.88 -10.32
CA VAL A 755 -3.89 14.18 -9.86
C VAL A 755 -2.72 14.44 -10.80
N LYS A 756 -2.95 14.25 -12.11
CA LYS A 756 -1.93 14.60 -13.09
C LYS A 756 -1.47 16.03 -12.91
N GLY A 757 -2.40 16.96 -12.73
CA GLY A 757 -2.03 18.36 -12.59
C GLY A 757 -1.10 18.61 -11.42
N ILE A 758 -1.15 17.75 -10.40
CA ILE A 758 -0.26 17.89 -9.27
C ILE A 758 1.08 17.24 -9.55
N ILE A 759 1.07 16.10 -10.26
CA ILE A 759 2.30 15.33 -10.44
C ILE A 759 3.21 16.00 -11.46
N ASP A 760 2.65 16.42 -12.59
CA ASP A 760 3.42 17.10 -13.64
C ASP A 760 3.41 18.62 -13.45
N SER A 761 3.74 19.09 -12.25
CA SER A 761 3.78 20.51 -11.94
C SER A 761 5.21 20.89 -11.57
N THR A 762 5.75 21.90 -12.25
CA THR A 762 7.12 22.33 -12.03
C THR A 762 7.22 23.69 -11.37
N HIS A 763 6.11 24.40 -11.18
CA HIS A 763 6.15 25.73 -10.57
C HIS A 763 6.65 25.65 -9.14
N THR A 764 6.18 24.67 -8.37
CA THR A 764 6.66 24.49 -7.02
C THR A 764 8.11 24.02 -7.03
N GLU A 765 8.91 24.56 -6.10
CA GLU A 765 10.33 24.22 -6.06
C GLU A 765 10.53 22.74 -5.77
N GLN A 766 9.75 22.18 -4.85
CA GLN A 766 9.85 20.77 -4.54
C GLN A 766 8.83 19.96 -5.33
N ARG A 767 9.23 18.76 -5.72
CA ARG A 767 8.32 17.87 -6.43
C ARG A 767 7.27 17.31 -5.46
N GLN A 768 6.17 16.85 -6.04
CA GLN A 768 5.02 16.38 -5.26
C GLN A 768 4.82 14.89 -5.48
N VAL A 769 4.57 14.18 -4.38
CA VAL A 769 4.21 12.77 -4.40
C VAL A 769 2.81 12.65 -3.81
N VAL A 770 1.88 12.11 -4.60
CA VAL A 770 0.47 12.10 -4.23
C VAL A 770 0.02 10.66 -3.98
N ALA A 771 -0.97 10.53 -3.11
CA ALA A 771 -1.62 9.25 -2.83
C ALA A 771 -3.12 9.41 -3.00
N VAL A 772 -3.70 8.61 -3.88
CA VAL A 772 -5.12 8.70 -4.21
C VAL A 772 -5.82 7.49 -3.61
N THR A 773 -6.80 7.74 -2.73
CA THR A 773 -7.58 6.67 -2.12
C THR A 773 -8.84 6.39 -2.93
N GLY A 774 -8.63 6.20 -4.23
CA GLY A 774 -9.74 6.02 -5.16
C GLY A 774 -10.27 4.60 -5.14
N ASP A 775 -11.59 4.48 -5.02
CA ASP A 775 -12.28 3.20 -5.10
C ASP A 775 -13.43 3.32 -6.07
N GLY A 776 -13.49 2.37 -7.01
CA GLY A 776 -14.50 2.39 -8.04
C GLY A 776 -13.97 1.98 -9.40
N THR A 777 -14.87 1.54 -10.28
CA THR A 777 -14.46 1.08 -11.60
C THR A 777 -13.86 2.21 -12.43
N ASN A 778 -14.48 3.38 -12.39
CA ASN A 778 -14.00 4.53 -13.17
C ASN A 778 -12.75 5.15 -12.58
N ASP A 779 -12.35 4.77 -11.36
CA ASP A 779 -11.13 5.27 -10.74
C ASP A 779 -9.89 4.53 -11.20
N GLY A 780 -9.99 3.75 -12.28
CA GLY A 780 -8.87 2.99 -12.79
C GLY A 780 -7.69 3.83 -13.26
N PRO A 781 -7.93 4.82 -14.12
CA PRO A 781 -6.81 5.64 -14.60
C PRO A 781 -6.10 6.40 -13.49
N ALA A 782 -6.84 7.16 -12.68
CA ALA A 782 -6.22 7.96 -11.63
C ALA A 782 -5.45 7.09 -10.64
N LEU A 783 -6.00 5.93 -10.30
CA LEU A 783 -5.32 5.01 -9.40
C LEU A 783 -3.95 4.62 -9.94
N LYS A 784 -3.82 4.55 -11.27
CA LYS A 784 -2.53 4.20 -11.85
C LYS A 784 -1.61 5.43 -11.95
N LYS A 785 -2.20 6.62 -12.01
CA LYS A 785 -1.38 7.82 -12.15
C LYS A 785 -0.70 8.20 -10.83
N ALA A 786 -1.39 7.98 -9.71
CA ALA A 786 -0.82 8.33 -8.41
C ALA A 786 0.38 7.44 -8.09
N ASP A 787 1.32 8.00 -7.32
CA ASP A 787 2.50 7.24 -6.93
C ASP A 787 2.12 6.04 -6.06
N VAL A 788 1.22 6.24 -5.12
CA VAL A 788 0.67 5.17 -4.29
C VAL A 788 -0.84 5.26 -4.33
N GLY A 789 -1.49 4.21 -4.82
CA GLY A 789 -2.94 4.22 -4.92
C GLY A 789 -3.62 3.24 -3.98
N PHE A 790 -4.30 3.75 -2.96
CA PHE A 790 -5.07 2.90 -2.08
C PHE A 790 -6.43 2.57 -2.69
N ALA A 791 -6.95 1.40 -2.35
CA ALA A 791 -8.27 0.97 -2.78
C ALA A 791 -9.04 0.40 -1.60
N MET A 792 -10.32 0.76 -1.50
CA MET A 792 -11.13 0.32 -0.39
C MET A 792 -11.39 -1.18 -0.51
N GLY A 793 -11.31 -1.89 0.61
CA GLY A 793 -11.35 -3.34 0.58
C GLY A 793 -12.73 -3.96 0.61
N ILE A 794 -13.53 -3.62 1.62
CA ILE A 794 -14.82 -4.27 1.85
C ILE A 794 -15.77 -4.02 0.69
N ALA A 795 -15.91 -2.76 0.30
CA ALA A 795 -16.85 -2.37 -0.75
C ALA A 795 -16.19 -2.12 -2.09
N GLY A 796 -14.91 -2.46 -2.23
CA GLY A 796 -14.19 -2.18 -3.46
C GLY A 796 -14.44 -3.25 -4.51
N THR A 797 -14.79 -2.81 -5.72
CA THR A 797 -14.93 -3.72 -6.84
C THR A 797 -13.57 -4.26 -7.27
N ASP A 798 -13.58 -5.43 -7.91
CA ASP A 798 -12.34 -6.09 -8.30
C ASP A 798 -11.53 -5.24 -9.26
N VAL A 799 -12.20 -4.39 -10.05
CA VAL A 799 -11.50 -3.56 -11.02
C VAL A 799 -10.55 -2.59 -10.31
N ALA A 800 -11.03 -1.95 -9.25
CA ALA A 800 -10.21 -1.00 -8.51
C ALA A 800 -9.12 -1.71 -7.72
N LYS A 801 -9.45 -2.86 -7.14
CA LYS A 801 -8.48 -3.59 -6.32
C LYS A 801 -7.36 -4.16 -7.18
N GLU A 802 -7.66 -4.49 -8.44
CA GLU A 802 -6.64 -5.08 -9.31
C GLU A 802 -5.52 -4.07 -9.61
N ALA A 803 -5.89 -2.81 -9.84
CA ALA A 803 -4.92 -1.79 -10.21
C ALA A 803 -4.36 -1.03 -9.01
N SER A 804 -4.67 -1.47 -7.78
CA SER A 804 -4.26 -0.76 -6.58
C SER A 804 -2.87 -1.18 -6.13
N ASP A 805 -2.20 -0.28 -5.42
CA ASP A 805 -0.90 -0.61 -4.82
C ASP A 805 -1.08 -1.22 -3.44
N ILE A 806 -1.81 -0.54 -2.56
CA ILE A 806 -2.09 -1.04 -1.21
C ILE A 806 -3.60 -1.06 -1.01
N ILE A 807 -4.08 -2.10 -0.33
CA ILE A 807 -5.50 -2.31 -0.08
C ILE A 807 -5.77 -2.10 1.40
N LEU A 808 -6.79 -1.30 1.71
CA LEU A 808 -7.21 -1.04 3.08
C LEU A 808 -8.36 -1.96 3.42
N THR A 809 -8.12 -2.92 4.31
CA THR A 809 -9.14 -3.92 4.62
C THR A 809 -10.30 -3.30 5.38
N ASP A 810 -10.01 -2.35 6.28
CA ASP A 810 -11.06 -1.72 7.07
C ASP A 810 -11.67 -0.51 6.40
N ASP A 811 -11.26 -0.19 5.15
CA ASP A 811 -11.69 1.00 4.42
C ASP A 811 -11.83 2.22 5.34
N ASN A 812 -10.75 2.56 6.01
CA ASN A 812 -10.72 3.70 6.92
C ASN A 812 -9.54 4.60 6.59
N PHE A 813 -9.76 5.91 6.72
CA PHE A 813 -8.71 6.88 6.41
C PHE A 813 -7.57 6.81 7.41
N SER A 814 -7.87 6.53 8.69
CA SER A 814 -6.85 6.56 9.73
C SER A 814 -5.72 5.58 9.45
N SER A 815 -6.04 4.41 8.90
CA SER A 815 -5.00 3.43 8.58
C SER A 815 -3.97 3.99 7.63
N ILE A 816 -4.36 4.95 6.78
CA ILE A 816 -3.42 5.57 5.85
C ILE A 816 -2.28 6.22 6.62
N VAL A 817 -2.59 6.82 7.78
CA VAL A 817 -1.53 7.41 8.60
C VAL A 817 -0.48 6.37 8.96
N LYS A 818 -0.91 5.15 9.29
CA LYS A 818 0.04 4.09 9.54
C LYS A 818 0.96 3.86 8.34
N ALA A 819 0.39 3.85 7.13
CA ALA A 819 1.19 3.65 5.94
C ALA A 819 2.26 4.74 5.80
N VAL A 820 2.05 5.90 6.41
CA VAL A 820 3.12 6.89 6.49
C VAL A 820 4.19 6.40 7.45
N MET A 821 3.82 6.19 8.73
CA MET A 821 4.80 5.95 9.78
C MET A 821 5.76 4.83 9.40
N TRP A 822 5.22 3.63 9.18
CA TRP A 822 6.05 2.49 8.81
C TRP A 822 6.98 2.81 7.67
N GLY A 823 6.49 3.46 6.62
CA GLY A 823 7.34 3.80 5.50
C GLY A 823 8.55 4.61 5.93
N ARG A 824 8.30 5.69 6.68
CA ARG A 824 9.42 6.49 7.17
C ARG A 824 10.34 5.64 8.02
N ASN A 825 9.77 4.76 8.86
CA ASN A 825 10.58 3.89 9.69
C ASN A 825 11.61 3.15 8.85
N VAL A 826 11.20 2.64 7.68
CA VAL A 826 12.12 1.87 6.85
C VAL A 826 13.36 2.70 6.56
N TYR A 827 13.17 3.93 6.11
CA TYR A 827 14.32 4.80 5.83
C TYR A 827 15.22 4.88 7.05
N ASP A 828 14.63 5.21 8.21
CA ASP A 828 15.43 5.39 9.40
C ASP A 828 16.26 4.15 9.70
N SER A 829 15.65 2.96 9.54
CA SER A 829 16.40 1.74 9.85
C SER A 829 17.68 1.68 9.03
N ILE A 830 17.55 1.87 7.71
CA ILE A 830 18.74 1.83 6.87
C ILE A 830 19.75 2.85 7.39
N SER A 831 19.28 4.06 7.70
CA SER A 831 20.17 5.10 8.16
C SER A 831 20.99 4.64 9.36
N LYS A 832 20.34 4.03 10.36
CA LYS A 832 21.10 3.70 11.56
C LYS A 832 22.11 2.61 11.27
N PHE A 833 21.81 1.70 10.33
CA PHE A 833 22.82 0.73 9.94
C PHE A 833 24.02 1.44 9.33
N LEU A 834 23.76 2.43 8.48
CA LEU A 834 24.85 3.20 7.90
C LEU A 834 25.63 3.97 8.96
N GLN A 835 25.01 4.18 10.13
CA GLN A 835 25.73 4.84 11.22
C GLN A 835 26.71 3.89 11.88
N PHE A 836 26.37 2.60 11.95
CA PHE A 836 27.23 1.65 12.63
C PHE A 836 28.37 1.20 11.71
N GLN A 837 28.03 0.51 10.62
CA GLN A 837 29.05 -0.05 9.74
C GLN A 837 30.07 1.00 9.35
N LEU A 838 29.60 2.18 8.91
CA LEU A 838 30.50 3.18 8.35
C LEU A 838 31.54 3.66 9.34
N THR A 839 31.29 3.58 10.65
CA THR A 839 32.36 4.00 11.54
C THR A 839 33.38 2.88 11.72
N VAL A 840 32.91 1.63 11.87
CA VAL A 840 33.84 0.54 12.15
C VAL A 840 34.82 0.36 11.01
N ASN A 841 34.32 0.25 9.79
CA ASN A 841 35.19 0.05 8.64
C ASN A 841 36.08 1.26 8.39
N VAL A 842 35.78 2.40 9.04
CA VAL A 842 36.75 3.48 9.04
C VAL A 842 37.89 3.17 10.00
N VAL A 843 37.55 2.95 11.28
CA VAL A 843 38.58 2.89 12.32
C VAL A 843 39.57 1.77 12.00
N ALA A 844 39.05 0.56 11.75
CA ALA A 844 39.92 -0.56 11.40
C ALA A 844 40.82 -0.22 10.23
N VAL A 845 40.24 0.35 9.15
CA VAL A 845 41.03 0.64 7.96
C VAL A 845 42.17 1.61 8.30
N ILE A 846 41.90 2.56 9.20
CA ILE A 846 42.97 3.45 9.63
C ILE A 846 43.98 2.67 10.46
N VAL A 847 43.51 1.90 11.43
CA VAL A 847 44.41 1.26 12.40
C VAL A 847 45.39 0.35 11.68
N ALA A 848 44.88 -0.58 10.89
CA ALA A 848 45.75 -1.47 10.12
C ALA A 848 46.72 -0.66 9.26
N PHE A 849 46.24 0.43 8.65
CA PHE A 849 47.12 1.23 7.81
C PHE A 849 48.27 1.79 8.64
N THR A 850 47.98 2.26 9.84
CA THR A 850 49.05 2.71 10.73
C THR A 850 49.98 1.56 11.05
N GLY A 851 49.43 0.37 11.31
CA GLY A 851 50.25 -0.81 11.52
C GLY A 851 51.12 -1.16 10.34
N ALA A 852 50.76 -0.68 9.14
CA ALA A 852 51.65 -0.86 8.00
C ALA A 852 52.83 0.07 8.08
N CYS A 853 52.60 1.34 8.47
CA CYS A 853 53.69 2.31 8.51
C CYS A 853 54.59 2.07 9.72
N ILE A 854 54.01 1.78 10.87
CA ILE A 854 54.74 1.60 12.12
C ILE A 854 54.49 0.18 12.62
N THR A 855 55.54 -0.43 13.17
CA THR A 855 55.56 -1.77 13.76
C THR A 855 55.36 -2.87 12.72
N GLN A 856 55.08 -2.48 11.47
CA GLN A 856 54.92 -3.39 10.33
C GLN A 856 54.20 -4.69 10.70
N ASP A 857 53.14 -4.57 11.51
CA ASP A 857 52.50 -5.76 12.07
C ASP A 857 51.01 -5.87 11.81
N SER A 858 50.31 -4.77 11.49
CA SER A 858 48.86 -4.77 11.36
C SER A 858 48.24 -5.35 12.64
N PRO A 859 48.23 -4.57 13.75
CA PRO A 859 47.88 -5.11 15.08
C PRO A 859 46.81 -6.18 15.12
N LEU A 860 45.69 -5.95 14.44
CA LEU A 860 44.64 -6.95 14.38
C LEU A 860 44.97 -7.98 13.30
N LYS A 861 45.01 -9.26 13.68
CA LYS A 861 45.31 -10.31 12.72
C LYS A 861 44.11 -10.56 11.81
N ALA A 862 44.27 -11.54 10.92
CA ALA A 862 43.25 -11.81 9.91
C ALA A 862 41.98 -12.36 10.55
N VAL A 863 42.12 -13.34 11.44
CA VAL A 863 40.94 -13.99 12.03
C VAL A 863 40.17 -13.01 12.91
N GLN A 864 40.89 -12.18 13.66
CA GLN A 864 40.22 -11.19 14.50
C GLN A 864 39.46 -10.16 13.67
N MET A 865 40.06 -9.71 12.56
CA MET A 865 39.36 -8.79 11.67
C MET A 865 38.16 -9.44 11.00
N LEU A 866 38.24 -10.74 10.68
CA LEU A 866 37.07 -11.43 10.15
C LEU A 866 35.97 -11.58 11.19
N TRP A 867 36.34 -11.78 12.46
CA TRP A 867 35.35 -11.78 13.53
C TRP A 867 34.68 -10.42 13.65
N VAL A 868 35.46 -9.34 13.55
CA VAL A 868 34.87 -8.00 13.55
C VAL A 868 33.95 -7.81 12.36
N ASN A 869 34.34 -8.35 11.20
CA ASN A 869 33.51 -8.28 9.99
C ASN A 869 32.18 -8.99 10.21
N LEU A 870 32.22 -10.18 10.83
CA LEU A 870 30.99 -10.89 11.15
C LEU A 870 30.13 -10.10 12.13
N ILE A 871 30.77 -9.42 13.09
CA ILE A 871 30.04 -8.63 14.07
C ILE A 871 29.31 -7.47 13.40
N MET A 872 29.99 -6.77 12.49
CA MET A 872 29.53 -5.45 12.06
C MET A 872 28.70 -5.53 10.77
N ASP A 873 28.88 -6.60 9.99
CA ASP A 873 28.20 -6.66 8.70
C ASP A 873 26.96 -7.55 8.74
N THR A 874 27.11 -8.79 9.19
CA THR A 874 26.01 -9.75 9.11
C THR A 874 25.04 -9.58 10.28
N PHE A 875 25.55 -9.69 11.51
CA PHE A 875 24.67 -9.65 12.67
C PHE A 875 24.07 -8.27 12.88
N ALA A 876 24.81 -7.22 12.53
CA ALA A 876 24.31 -5.86 12.69
C ALA A 876 23.09 -5.58 11.82
N SER A 877 23.00 -6.20 10.64
CA SER A 877 21.80 -6.04 9.81
C SER A 877 20.56 -6.55 10.54
N LEU A 878 20.62 -7.75 11.11
CA LEU A 878 19.51 -8.27 11.89
C LEU A 878 19.25 -7.41 13.12
N ALA A 879 20.31 -6.93 13.77
CA ALA A 879 20.15 -6.17 15.01
C ALA A 879 19.45 -4.84 14.77
N LEU A 880 19.90 -4.08 13.77
CA LEU A 880 19.43 -2.72 13.56
C LEU A 880 18.42 -2.59 12.42
N ALA A 881 18.01 -3.69 11.80
CA ALA A 881 17.02 -3.63 10.72
C ALA A 881 15.63 -4.06 11.16
N THR A 882 15.44 -4.42 12.43
CA THR A 882 14.15 -4.86 12.94
C THR A 882 13.65 -3.96 14.07
N GLU A 883 14.01 -2.68 14.05
CA GLU A 883 13.58 -1.76 15.09
C GLU A 883 12.11 -1.41 14.92
N PRO A 884 11.30 -1.54 15.98
CA PRO A 884 9.89 -1.15 15.88
C PRO A 884 9.77 0.34 15.67
N PRO A 885 8.73 0.79 14.97
CA PRO A 885 8.57 2.23 14.70
C PRO A 885 7.97 2.97 15.88
N THR A 886 8.16 4.28 15.87
CA THR A 886 7.63 5.18 16.89
C THR A 886 6.75 6.24 16.23
N GLU A 887 5.78 6.74 17.00
CA GLU A 887 4.88 7.77 16.49
C GLU A 887 5.59 9.09 16.21
N THR A 888 6.74 9.34 16.84
CA THR A 888 7.50 10.56 16.61
C THR A 888 7.93 10.72 15.17
N LEU A 889 8.00 9.63 14.40
CA LEU A 889 8.33 9.74 12.98
C LEU A 889 7.32 10.58 12.23
N LEU A 890 6.12 10.75 12.78
CA LEU A 890 5.11 11.61 12.19
C LEU A 890 5.28 13.08 12.56
N LEU A 891 6.47 13.48 13.04
CA LEU A 891 6.70 14.84 13.49
C LEU A 891 7.77 15.55 12.68
N ARG A 892 8.03 15.13 11.46
CA ARG A 892 9.00 15.76 10.59
C ARG A 892 8.41 15.97 9.20
N LYS A 893 8.92 16.97 8.50
CA LYS A 893 8.47 17.25 7.15
C LYS A 893 8.89 16.11 6.22
N PRO A 894 8.14 15.86 5.15
CA PRO A 894 8.51 14.78 4.22
C PRO A 894 9.88 15.01 3.62
N TYR A 895 10.65 13.93 3.50
CA TYR A 895 12.01 14.04 3.02
C TYR A 895 12.03 14.15 1.50
N GLY A 896 12.86 15.06 0.99
CA GLY A 896 13.00 15.19 -0.44
C GLY A 896 13.75 14.02 -1.05
N ARG A 897 13.63 13.91 -2.37
CA ARG A 897 14.26 12.82 -3.10
C ARG A 897 15.68 13.13 -3.54
N ASN A 898 16.19 14.32 -3.22
CA ASN A 898 17.58 14.68 -3.46
C ASN A 898 18.39 14.77 -2.16
N LYS A 899 17.79 14.39 -1.03
CA LYS A 899 18.48 14.46 0.24
C LYS A 899 19.65 13.49 0.27
N PRO A 900 20.81 13.92 0.79
CA PRO A 900 21.96 13.02 0.89
C PRO A 900 21.66 11.84 1.79
N LEU A 901 22.21 10.68 1.43
CA LEU A 901 21.99 9.46 2.21
C LEU A 901 22.68 9.53 3.57
N ILE A 902 23.73 10.33 3.69
CA ILE A 902 24.47 10.48 4.93
C ILE A 902 24.22 11.90 5.43
N SER A 903 23.40 12.02 6.47
CA SER A 903 23.05 13.33 7.00
C SER A 903 24.22 13.92 7.79
N ARG A 904 24.03 15.14 8.27
CA ARG A 904 25.09 15.84 9.00
C ARG A 904 25.31 15.24 10.38
N THR A 905 24.22 14.93 11.09
CA THR A 905 24.35 14.36 12.43
C THR A 905 24.98 12.97 12.38
N MET A 906 24.65 12.18 11.36
CA MET A 906 25.27 10.86 11.21
C MET A 906 26.78 10.98 11.04
N MET A 907 27.22 11.92 10.19
CA MET A 907 28.66 12.10 10.00
C MET A 907 29.32 12.66 11.26
N LYS A 908 28.62 13.51 12.01
CA LYS A 908 29.16 14.01 13.27
C LYS A 908 29.40 12.87 14.25
N ASN A 909 28.41 11.99 14.40
CA ASN A 909 28.56 10.84 15.29
C ASN A 909 29.68 9.93 14.82
N ILE A 910 29.74 9.66 13.50
CA ILE A 910 30.79 8.81 12.96
C ILE A 910 32.16 9.38 13.28
N LEU A 911 32.38 10.66 13.01
CA LEU A 911 33.67 11.28 13.28
C LEU A 911 34.02 11.31 14.76
N GLY A 912 33.06 11.64 15.64
CA GLY A 912 33.37 11.67 17.06
C GLY A 912 33.74 10.31 17.62
N HIS A 913 32.93 9.29 17.29
CA HIS A 913 33.24 7.95 17.78
C HIS A 913 34.52 7.40 17.16
N ALA A 914 34.78 7.72 15.88
CA ALA A 914 36.02 7.29 15.26
C ALA A 914 37.22 7.94 15.94
N VAL A 915 37.11 9.23 16.28
CA VAL A 915 38.20 9.91 16.98
C VAL A 915 38.47 9.27 18.33
N TYR A 916 37.41 9.01 19.09
CA TYR A 916 37.59 8.38 20.40
C TYR A 916 38.23 7.01 20.27
N GLN A 917 37.72 6.19 19.35
CA GLN A 917 38.24 4.83 19.18
C GLN A 917 39.69 4.85 18.73
N LEU A 918 40.03 5.71 17.76
CA LEU A 918 41.40 5.78 17.27
C LEU A 918 42.35 6.24 18.37
N THR A 919 41.95 7.26 19.14
CA THR A 919 42.80 7.72 20.24
C THR A 919 43.07 6.61 21.24
N LEU A 920 42.00 5.94 21.69
CA LEU A 920 42.17 4.88 22.68
C LEU A 920 43.02 3.74 22.13
N ILE A 921 42.75 3.32 20.89
CA ILE A 921 43.45 2.18 20.32
C ILE A 921 44.94 2.49 20.15
N PHE A 922 45.24 3.68 19.63
CA PHE A 922 46.65 4.03 19.42
C PHE A 922 47.39 4.19 20.74
N THR A 923 46.76 4.85 21.72
CA THR A 923 47.39 5.00 23.02
C THR A 923 47.67 3.65 23.65
N LEU A 924 46.70 2.73 23.58
CA LEU A 924 46.93 1.38 24.08
C LEU A 924 48.07 0.70 23.33
N LEU A 925 48.00 0.67 22.00
CA LEU A 925 49.00 -0.03 21.20
C LEU A 925 50.41 0.47 21.50
N PHE A 926 50.54 1.76 21.82
CA PHE A 926 51.88 2.30 22.03
C PHE A 926 52.37 2.21 23.48
N VAL A 927 51.48 2.37 24.47
CA VAL A 927 51.95 2.59 25.82
C VAL A 927 51.39 1.51 26.76
N GLY A 928 50.82 0.45 26.19
CA GLY A 928 50.24 -0.58 27.03
C GLY A 928 51.26 -1.41 27.78
N GLU A 929 52.48 -1.48 27.25
CA GLU A 929 53.55 -2.18 27.96
C GLU A 929 53.83 -1.51 29.30
N LYS A 930 53.89 -0.18 29.32
CA LYS A 930 54.12 0.54 30.56
C LYS A 930 52.86 0.61 31.41
N MET A 931 51.69 0.74 30.77
CA MET A 931 50.46 0.91 31.52
C MET A 931 50.07 -0.38 32.26
N PHE A 932 50.09 -1.51 31.55
CA PHE A 932 49.64 -2.77 32.11
C PHE A 932 50.78 -3.64 32.64
N GLN A 933 52.04 -3.18 32.54
CA GLN A 933 53.24 -3.95 32.90
C GLN A 933 53.11 -5.41 32.48
N ILE A 934 52.70 -5.61 31.22
CA ILE A 934 52.45 -6.94 30.69
C ILE A 934 53.42 -7.29 29.56
N ASP A 935 54.56 -6.60 29.49
CA ASP A 935 55.59 -6.79 28.47
C ASP A 935 55.09 -6.30 27.12
N SER A 936 55.94 -6.40 26.09
CA SER A 936 55.66 -5.82 24.79
C SER A 936 55.42 -6.91 23.76
N GLY A 937 54.40 -6.71 22.92
CA GLY A 937 54.10 -7.59 21.82
C GLY A 937 54.47 -7.06 20.45
N ARG A 938 54.99 -5.83 20.38
CA ARG A 938 55.32 -5.24 19.08
C ARG A 938 56.53 -5.94 18.46
N ASN A 939 56.58 -5.89 17.12
CA ASN A 939 57.68 -6.47 16.35
C ASN A 939 57.87 -7.96 16.64
N ALA A 940 56.78 -8.67 16.86
CA ALA A 940 56.87 -10.10 17.14
C ALA A 940 57.32 -10.86 15.88
N PRO A 941 58.15 -11.87 16.05
CA PRO A 941 58.63 -12.64 14.90
C PRO A 941 57.53 -13.54 14.34
N LEU A 942 57.77 -14.02 13.12
CA LEU A 942 56.83 -14.93 12.48
C LEU A 942 56.79 -16.26 13.22
N HIS A 943 55.58 -16.81 13.34
CA HIS A 943 55.34 -18.04 14.11
C HIS A 943 55.81 -17.88 15.55
N SER A 944 55.18 -16.95 16.25
CA SER A 944 55.47 -16.66 17.64
C SER A 944 54.20 -16.83 18.48
N PRO A 945 54.34 -17.22 19.75
CA PRO A 945 53.16 -17.36 20.60
C PRO A 945 52.43 -16.04 20.74
N PRO A 946 51.10 -16.08 20.81
CA PRO A 946 50.33 -14.83 20.95
C PRO A 946 50.68 -14.11 22.25
N SER A 947 50.69 -12.78 22.17
CA SER A 947 50.99 -11.97 23.35
C SER A 947 49.72 -11.40 23.95
N GLU A 948 49.79 -11.11 25.25
CA GLU A 948 48.63 -10.55 25.96
C GLU A 948 48.38 -9.10 25.54
N HIS A 949 49.43 -8.39 25.14
CA HIS A 949 49.30 -6.98 24.83
C HIS A 949 48.37 -6.76 23.65
N TYR A 950 48.50 -7.59 22.60
CA TYR A 950 47.63 -7.46 21.44
C TYR A 950 46.24 -8.05 21.70
N THR A 951 46.13 -9.06 22.56
CA THR A 951 44.82 -9.56 22.95
C THR A 951 44.02 -8.49 23.68
N ILE A 952 44.69 -7.67 24.50
CA ILE A 952 44.01 -6.55 25.15
C ILE A 952 43.46 -5.60 24.11
N ILE A 953 44.25 -5.29 23.08
CA ILE A 953 43.80 -4.39 22.03
C ILE A 953 42.58 -4.95 21.32
N PHE A 954 42.64 -6.23 20.97
CA PHE A 954 41.52 -6.85 20.24
C PHE A 954 40.26 -6.85 21.09
N ASN A 955 40.38 -7.21 22.37
CA ASN A 955 39.21 -7.25 23.25
C ASN A 955 38.63 -5.86 23.45
N THR A 956 39.49 -4.86 23.64
CA THR A 956 39.01 -3.49 23.79
C THR A 956 38.30 -3.01 22.54
N PHE A 957 38.85 -3.33 21.37
CA PHE A 957 38.20 -2.98 20.10
C PHE A 957 36.81 -3.59 20.03
N VAL A 958 36.70 -4.89 20.36
CA VAL A 958 35.41 -5.57 20.28
C VAL A 958 34.41 -4.94 21.25
N MET A 959 34.85 -4.64 22.48
CA MET A 959 33.94 -4.06 23.46
C MET A 959 33.46 -2.68 23.03
N MET A 960 34.37 -1.85 22.51
CA MET A 960 33.96 -0.53 22.05
C MET A 960 32.99 -0.63 20.88
N GLN A 961 33.20 -1.56 19.96
CA GLN A 961 32.22 -1.75 18.88
C GLN A 961 30.88 -2.23 19.43
N LEU A 962 30.89 -3.11 20.43
CA LEU A 962 29.64 -3.60 21.01
C LEU A 962 28.84 -2.47 21.64
N PHE A 963 29.51 -1.58 22.37
CA PHE A 963 28.79 -0.46 22.98
C PHE A 963 28.42 0.62 21.97
N ASN A 964 29.22 0.77 20.90
CA ASN A 964 28.84 1.66 19.81
C ASN A 964 27.60 1.15 19.10
N GLU A 965 27.42 -0.17 19.05
CA GLU A 965 26.18 -0.73 18.51
C GLU A 965 24.98 -0.29 19.34
N ILE A 966 25.12 -0.28 20.66
CA ILE A 966 24.02 0.16 21.52
C ILE A 966 23.74 1.65 21.33
N ASN A 967 24.79 2.47 21.34
CA ASN A 967 24.59 3.92 21.31
C ASN A 967 24.37 4.46 19.90
N ALA A 968 24.43 3.59 18.88
CA ALA A 968 24.24 4.02 17.49
C ALA A 968 22.80 3.86 17.01
N ARG A 969 21.86 3.60 17.91
CA ARG A 969 20.47 3.41 17.49
C ARG A 969 19.69 4.71 17.40
N LYS A 970 20.28 5.85 17.78
CA LYS A 970 19.59 7.14 17.79
C LYS A 970 20.25 8.03 16.75
N ILE A 971 19.65 8.10 15.57
CA ILE A 971 20.19 8.94 14.50
C ILE A 971 19.98 10.41 14.79
N HIS A 972 18.79 10.76 15.30
CA HIS A 972 18.41 12.17 15.46
C HIS A 972 18.87 12.77 16.79
N GLY A 973 20.16 12.62 17.13
CA GLY A 973 20.74 13.30 18.27
C GLY A 973 20.01 13.14 19.59
N GLU A 974 19.37 11.99 19.78
CA GLU A 974 18.57 11.77 20.99
C GLU A 974 19.46 11.33 22.14
N ARG A 975 19.29 11.97 23.29
CA ARG A 975 20.16 11.70 24.44
C ARG A 975 19.88 10.34 25.05
N ASN A 976 18.61 9.99 25.22
CA ASN A 976 18.25 8.74 25.87
C ASN A 976 18.43 7.57 24.91
N VAL A 977 19.62 6.97 24.91
CA VAL A 977 19.91 5.86 24.02
C VAL A 977 19.08 4.63 24.37
N PHE A 978 18.89 4.37 25.66
CA PHE A 978 18.25 3.15 26.13
C PHE A 978 16.73 3.18 25.98
N ASP A 979 16.18 4.11 25.20
CA ASP A 979 14.74 4.21 25.04
C ASP A 979 14.24 3.07 24.15
N GLY A 980 13.39 2.21 24.73
CA GLY A 980 12.76 1.15 23.96
C GLY A 980 13.68 0.07 23.45
N ILE A 981 14.67 -0.34 24.24
CA ILE A 981 15.53 -1.45 23.84
C ILE A 981 14.76 -2.76 23.89
N PHE A 982 13.99 -2.97 24.95
CA PHE A 982 13.31 -4.23 25.18
C PHE A 982 12.11 -4.46 24.26
N ARG A 983 11.71 -3.44 23.48
CA ARG A 983 10.66 -3.65 22.49
C ARG A 983 11.14 -4.47 21.31
N ASN A 984 12.46 -4.69 21.18
CA ASN A 984 13.04 -5.54 20.16
C ASN A 984 13.68 -6.75 20.81
N PRO A 985 13.17 -7.96 20.58
CA PRO A 985 13.73 -9.16 21.23
C PRO A 985 14.90 -9.80 20.50
N ILE A 986 15.34 -9.26 19.38
CA ILE A 986 16.47 -9.81 18.63
C ILE A 986 17.76 -9.05 18.91
N PHE A 987 17.66 -7.73 19.12
CA PHE A 987 18.84 -6.92 19.38
C PHE A 987 19.55 -7.36 20.65
N CYS A 988 18.79 -7.55 21.74
CA CYS A 988 19.38 -7.93 23.02
C CYS A 988 20.05 -9.29 22.93
N THR A 989 19.38 -10.26 22.30
CA THR A 989 19.95 -11.59 22.18
C THR A 989 21.19 -11.59 21.29
N ILE A 990 21.20 -10.79 20.22
CA ILE A 990 22.37 -10.72 19.36
C ILE A 990 23.55 -10.13 20.11
N VAL A 991 23.32 -9.04 20.84
CA VAL A 991 24.40 -8.39 21.58
C VAL A 991 24.95 -9.32 22.66
N LEU A 992 24.06 -9.97 23.41
CA LEU A 992 24.50 -10.86 24.49
C LEU A 992 25.22 -12.08 23.94
N GLY A 993 24.73 -12.66 22.85
CA GLY A 993 25.42 -13.78 22.24
C GLY A 993 26.79 -13.39 21.73
N THR A 994 26.91 -12.20 21.12
CA THR A 994 28.21 -11.74 20.68
C THR A 994 29.16 -11.55 21.86
N PHE A 995 28.67 -11.01 22.97
CA PHE A 995 29.50 -10.86 24.17
C PHE A 995 29.98 -12.21 24.66
N ALA A 996 29.09 -13.20 24.73
CA ALA A 996 29.45 -14.53 25.20
C ALA A 996 30.47 -15.19 24.28
N ILE A 997 30.26 -15.07 22.96
CA ILE A 997 31.20 -15.65 22.00
C ILE A 997 32.55 -14.98 22.10
N GLN A 998 32.57 -13.66 22.30
CA GLN A 998 33.84 -12.95 22.49
C GLN A 998 34.57 -13.46 23.72
N ILE A 999 33.83 -13.66 24.82
CA ILE A 999 34.45 -14.17 26.05
C ILE A 999 35.06 -15.53 25.81
N VAL A 1000 34.29 -16.45 25.19
CA VAL A 1000 34.76 -17.82 25.03
C VAL A 1000 35.92 -17.87 24.03
N ILE A 1001 35.92 -16.97 23.05
CA ILE A 1001 37.02 -16.92 22.09
C ILE A 1001 38.29 -16.43 22.76
N VAL A 1002 38.18 -15.36 23.55
CA VAL A 1002 39.36 -14.79 24.21
C VAL A 1002 39.94 -15.78 25.21
N GLN A 1003 39.09 -16.40 26.02
CA GLN A 1003 39.59 -17.26 27.08
C GLN A 1003 40.05 -18.63 26.58
N PHE A 1004 39.12 -19.40 26.01
CA PHE A 1004 39.44 -20.79 25.66
C PHE A 1004 40.15 -20.87 24.33
N GLY A 1005 39.76 -20.04 23.36
CA GLY A 1005 40.44 -20.00 22.08
C GLY A 1005 41.88 -19.58 22.21
N GLY A 1006 42.79 -20.34 21.62
CA GLY A 1006 44.21 -20.08 21.78
C GLY A 1006 44.94 -19.70 20.51
N LYS A 1007 45.85 -20.57 20.08
CA LYS A 1007 46.68 -20.27 18.92
C LYS A 1007 45.90 -20.00 17.63
N PRO A 1008 44.86 -20.79 17.26
CA PRO A 1008 44.16 -20.52 16.00
C PRO A 1008 43.61 -19.10 15.87
N PHE A 1009 43.11 -18.55 16.96
CA PHE A 1009 42.60 -17.18 16.96
C PHE A 1009 43.64 -16.16 17.41
N SER A 1010 44.87 -16.59 17.68
CA SER A 1010 45.96 -15.70 18.09
C SER A 1010 45.58 -14.91 19.34
N CYS A 1011 44.92 -15.57 20.29
CA CYS A 1011 44.49 -14.95 21.54
C CYS A 1011 44.97 -15.78 22.71
N SER A 1012 45.45 -15.10 23.75
CA SER A 1012 45.93 -15.74 24.97
C SER A 1012 44.98 -15.46 26.13
N PRO A 1013 44.94 -16.35 27.12
CA PRO A 1013 44.06 -16.12 28.27
C PRO A 1013 44.38 -14.82 28.98
N LEU A 1014 43.33 -14.13 29.43
CA LEU A 1014 43.44 -12.83 30.08
C LEU A 1014 42.91 -12.93 31.50
N GLN A 1015 43.57 -12.23 32.42
CA GLN A 1015 43.13 -12.20 33.81
C GLN A 1015 41.92 -11.28 33.96
N LEU A 1016 41.31 -11.34 35.14
CA LEU A 1016 40.08 -10.60 35.38
C LEU A 1016 40.31 -9.09 35.38
N ASP A 1017 41.49 -8.65 35.84
CA ASP A 1017 41.78 -7.22 35.93
C ASP A 1017 41.75 -6.57 34.55
N GLN A 1018 42.41 -7.20 33.57
CA GLN A 1018 42.41 -6.66 32.22
C GLN A 1018 41.02 -6.68 31.61
N TRP A 1019 40.24 -7.73 31.90
CA TRP A 1019 38.88 -7.81 31.39
C TRP A 1019 38.03 -6.65 31.93
N MET A 1020 38.16 -6.37 33.23
CA MET A 1020 37.42 -5.28 33.83
C MET A 1020 37.85 -3.93 33.26
N TRP A 1021 39.15 -3.74 33.04
CA TRP A 1021 39.59 -2.49 32.42
C TRP A 1021 39.07 -2.33 31.00
N CYS A 1022 39.04 -3.42 30.22
CA CYS A 1022 38.46 -3.34 28.89
C CYS A 1022 36.98 -3.00 28.93
N ILE A 1023 36.24 -3.57 29.89
CA ILE A 1023 34.82 -3.24 30.03
C ILE A 1023 34.63 -1.77 30.42
N PHE A 1024 35.50 -1.26 31.29
CA PHE A 1024 35.43 0.16 31.64
C PHE A 1024 35.71 1.05 30.44
N ILE A 1025 36.70 0.69 29.63
CA ILE A 1025 36.96 1.44 28.40
C ILE A 1025 35.76 1.37 27.47
N GLY A 1026 35.05 0.23 27.46
CA GLY A 1026 33.85 0.12 26.67
C GLY A 1026 32.75 1.06 27.13
N LEU A 1027 32.55 1.16 28.45
CA LEU A 1027 31.61 2.14 28.99
C LEU A 1027 32.03 3.56 28.68
N GLY A 1028 33.33 3.78 28.54
CA GLY A 1028 33.81 5.07 28.06
C GLY A 1028 33.23 5.47 26.72
N GLU A 1029 32.83 4.50 25.88
CA GLU A 1029 32.19 4.82 24.62
C GLU A 1029 30.83 5.47 24.84
N LEU A 1030 30.02 4.92 25.76
CA LEU A 1030 28.74 5.55 26.09
C LEU A 1030 28.95 6.93 26.69
N VAL A 1031 29.96 7.06 27.56
CA VAL A 1031 30.25 8.37 28.14
C VAL A 1031 30.60 9.38 27.05
N TRP A 1032 31.45 8.97 26.10
CA TRP A 1032 31.84 9.86 25.02
C TRP A 1032 30.67 10.18 24.10
N GLY A 1033 29.75 9.24 23.90
CA GLY A 1033 28.56 9.53 23.12
C GLY A 1033 27.70 10.59 23.78
N GLN A 1034 27.50 10.46 25.10
CA GLN A 1034 26.77 11.50 25.82
C GLN A 1034 27.47 12.84 25.72
N VAL A 1035 28.80 12.84 25.77
CA VAL A 1035 29.55 14.09 25.63
C VAL A 1035 29.36 14.69 24.23
N ILE A 1036 29.45 13.86 23.20
CA ILE A 1036 29.41 14.37 21.83
C ILE A 1036 28.01 14.79 21.44
N ALA A 1037 26.99 14.30 22.15
CA ALA A 1037 25.63 14.72 21.84
C ALA A 1037 25.42 16.22 22.10
N THR A 1038 26.27 16.83 22.92
CA THR A 1038 26.08 18.23 23.29
C THR A 1038 26.44 19.17 22.14
N ILE A 1039 27.52 18.87 21.42
CA ILE A 1039 28.08 19.78 20.42
C ILE A 1039 27.06 20.07 19.32
N PRO A 1040 26.78 21.34 19.03
CA PRO A 1040 25.81 21.66 17.97
C PRO A 1040 26.33 21.21 16.61
N THR A 1041 25.40 20.79 15.74
CA THR A 1041 25.75 20.34 14.40
C THR A 1041 26.16 21.51 13.52
N SER A 1042 25.41 22.61 13.57
CA SER A 1042 25.68 23.78 12.75
C SER A 1042 26.82 24.61 13.33
PG ANP B . -20.77 10.17 -4.08
O1G ANP B . -21.47 8.92 -3.63
O2G ANP B . -19.58 9.79 -4.92
O3G ANP B . -20.26 10.89 -2.86
PB ANP B . -23.23 11.65 -4.40
O1B ANP B . -23.23 11.80 -2.91
O2B ANP B . -23.75 12.78 -5.24
N3B ANP B . -21.79 11.11 -4.94
PA ANP B . -24.72 9.74 -6.04
O1A ANP B . -23.51 9.27 -6.75
O2A ANP B . -25.80 8.77 -5.72
O3A ANP B . -24.24 10.44 -4.68
O5' ANP B . -25.35 11.00 -6.82
C5' ANP B . -26.75 10.96 -7.19
C4' ANP B . -27.46 12.11 -6.52
O4' ANP B . -28.89 11.98 -6.75
C3' ANP B . -27.29 12.20 -5.00
O3' ANP B . -26.28 13.13 -4.64
C2' ANP B . -28.67 12.65 -4.51
O2' ANP B . -28.82 14.05 -4.56
C1' ANP B . -29.59 11.97 -5.53
N9 ANP B . -29.97 10.60 -5.22
C8 ANP B . -29.25 9.62 -4.58
N7 ANP B . -29.89 8.50 -4.47
C5 ANP B . -31.13 8.74 -5.05
C6 ANP B . -32.27 7.94 -5.24
N6 ANP B . -32.36 6.67 -4.85
N1 ANP B . -33.33 8.51 -5.88
C2 ANP B . -33.22 9.78 -6.28
N3 ANP B . -32.21 10.63 -6.15
C4 ANP B . -31.18 10.03 -5.53
CA CA C . 32.62 -5.84 4.96
MG MG D . -21.06 10.83 -9.18
C21 KXP E . 34.40 4.60 4.17
C22 KXP E . 34.22 6.19 4.57
C18 KXP E . 36.14 2.91 3.95
C23 KXP E . 34.93 7.00 3.58
C29 KXP E . 31.19 8.67 1.69
C30 KXP E . 30.37 8.14 0.42
C31 KXP E . 29.57 9.29 -0.17
C32 KXP E . 30.50 10.32 -0.77
C33 KXP E . 31.81 10.55 0.06
C34 KXP E . 31.71 10.06 1.53
C49 KXP E . 32.45 7.77 5.26
O20 KXP E . 35.82 4.19 4.43
O24 KXP E . 34.55 6.63 2.32
O26 KXP E . 33.81 7.27 0.07
O27 KXP E . 34.51 8.93 1.49
O28 KXP E . 32.21 7.74 2.10
O35 KXP E . 30.87 10.99 2.29
O36 KXP E . 32.88 9.91 -0.59
O38 KXP E . 33.14 10.37 -3.18
O39 KXP E . 35.05 10.49 -1.91
O40 KXP E . 33.49 12.22 -1.77
O41 KXP E . 29.81 11.55 -0.88
O43 KXP E . 30.55 12.49 -3.21
O44 KXP E . 28.69 11.18 -3.30
O45 KXP E . 28.64 13.28 -2.45
O46 KXP E . 28.68 8.78 -1.23
O47 KXP E . 31.20 7.56 -0.56
O48 KXP E . 32.81 6.58 4.65
O50 KXP E . 32.07 9.03 5.89
P25 KXP E . 33.77 7.64 1.49
P37 KXP E . 33.64 10.72 -1.84
P42 KXP E . 29.43 12.14 -2.45
C1 KXP E . 37.52 2.61 3.39
C2 KXP E . 38.19 3.89 2.94
C4 KXP E . 39.00 4.49 4.11
C5 KXP E . 38.67 6.02 4.24
C3 KXP E . 39.67 6.72 5.13
C6 KXP E . 40.50 7.26 5.86
O1 KXP E . 35.35 2.07 3.99
#